data_6FK3
#
_entry.id   6FK3
#
_cell.length_a   105.180
_cell.length_b   105.180
_cell.length_c   315.640
_cell.angle_alpha   90.00
_cell.angle_beta   90.00
_cell.angle_gamma   90.00
#
_symmetry.space_group_name_H-M   'P 41 21 2'
#
loop_
_entity.id
_entity.type
_entity.pdbx_description
1 polymer 'Aldehyde dehydrogenase'
2 non-polymer DI(HYDROXYETHYL)ETHER
3 non-polymer 'PROPANOIC ACID'
4 non-polymer 'SULFATE ION'
5 non-polymer '3[N-MORPHOLINO]PROPANE SULFONIC ACID'
6 non-polymer GLYCEROL
7 water water
#
_entity_poly.entity_id   1
_entity_poly.type   'polypeptide(L)'
_entity_poly.pdbx_seq_one_letter_code
;MHHHHHHRKAAGKYGNTLEFGHLVGGEEVLEGPLLERRNPSDREDVVARFPEADKDLVRKAALKAREAFAEWSRTPAPIR
GQVLFNLVKILEREKPTLTRLMVREVGKTPKEAAGDVQEAIDTALFFASEGRRLYGQTVPSEMRDKELFTFRRPLGVVGI
ITAGNFPIAVPSWKLIPAVLTGNTVVWKPSEDAPTLSFVFAKLFEEAGLPPGVLNVVFGGGKGSTGQWMVELMDEGLFQK
FAFTGSTQVGRWIGEVAGRNLIRPTLELGGKNPLVVMRDADLDLAVEGAWWSAFATGGQRCTSAGNILVDAPIYEEFKRR
FLERVEATLVGNPLLHPEVTYGPFINERFFARWQEHYRVGEAEGARLLFGRGRITRENPYPRFLGDPEAGLYGWPTVWEV
RPGTRLFTEEVFGPTINLVKVDGIEEAIAVANSTPYGLSSAIYTNHRHWAYLFKVGIRAGMTSINNATVGAEAHLPFGGV
KASGNGGRESGIWVLEEYTYWHAVNEEYSGRLQLAQMDTGYVSPKAPTPWGEVLGL
;
_entity_poly.pdbx_strand_id   A,B
#
# COMPACT_ATOMS: atom_id res chain seq x y z
N HIS A 7 6.58 32.87 18.86
CA HIS A 7 7.89 32.72 19.58
C HIS A 7 8.13 33.90 20.54
N ARG A 8 7.74 33.71 21.81
CA ARG A 8 8.07 34.65 22.91
C ARG A 8 8.94 33.93 23.96
N LYS A 9 9.63 34.71 24.81
CA LYS A 9 10.78 34.21 25.57
C LYS A 9 10.55 34.29 27.09
N ALA A 10 11.57 33.86 27.84
CA ALA A 10 11.68 33.88 29.32
C ALA A 10 12.86 32.97 29.70
N ALA A 11 13.87 33.46 30.42
CA ALA A 11 15.19 32.79 30.47
C ALA A 11 15.14 31.55 31.38
N GLY A 12 15.52 30.40 30.83
CA GLY A 12 15.87 29.19 31.59
C GLY A 12 17.37 29.13 31.85
N LYS A 13 17.93 27.95 32.10
CA LYS A 13 19.37 27.86 32.51
C LYS A 13 20.25 27.32 31.38
N TYR A 14 19.72 26.45 30.52
CA TYR A 14 20.43 26.00 29.30
C TYR A 14 19.83 26.66 28.06
N GLY A 15 19.07 27.74 28.24
CA GLY A 15 18.53 28.46 27.10
C GLY A 15 17.18 29.03 27.44
N ASN A 16 16.58 29.73 26.49
CA ASN A 16 15.32 30.39 26.72
C ASN A 16 14.21 29.35 26.82
N THR A 17 13.22 29.66 27.65
CA THR A 17 11.96 28.94 27.69
C THR A 17 11.05 29.58 26.65
N LEU A 18 10.65 28.81 25.64
CA LEU A 18 9.81 29.35 24.56
C LEU A 18 8.33 29.08 24.86
N GLU A 19 7.47 29.95 24.34
CA GLU A 19 6.04 29.72 24.39
C GLU A 19 5.47 30.00 22.99
N PHE A 20 4.76 29.02 22.43
CA PHE A 20 4.29 29.14 21.04
C PHE A 20 3.01 28.32 20.86
N GLY A 21 2.28 28.63 19.80
CA GLY A 21 1.01 28.01 19.55
C GLY A 21 1.06 27.09 18.34
N HIS A 22 -0.11 26.62 17.93
CA HIS A 22 -0.28 25.80 16.76
C HIS A 22 -0.05 26.65 15.51
N LEU A 23 0.31 26.01 14.40
CA LEU A 23 0.44 26.72 13.12
C LEU A 23 -0.65 26.23 12.17
N VAL A 24 -1.64 27.08 11.97
CA VAL A 24 -2.82 26.73 11.20
C VAL A 24 -3.05 27.81 10.14
N GLY A 25 -2.94 27.43 8.88
CA GLY A 25 -3.16 28.34 7.76
C GLY A 25 -2.23 29.54 7.78
N GLY A 26 -1.01 29.37 8.29
CA GLY A 26 -0.08 30.50 8.40
C GLY A 26 -0.14 31.20 9.75
N GLU A 27 -1.34 31.29 10.34
CA GLU A 27 -1.54 31.92 11.66
C GLU A 27 -0.92 31.06 12.78
N GLU A 28 -0.37 31.73 13.79
CA GLU A 28 -0.04 31.09 15.06
C GLU A 28 -1.25 31.18 16.00
N VAL A 29 -1.59 30.07 16.66
CA VAL A 29 -2.85 29.97 17.42
C VAL A 29 -2.53 29.41 18.81
N LEU A 30 -2.61 30.27 19.82
CA LEU A 30 -2.35 29.85 21.18
C LEU A 30 -3.70 29.59 21.87
N GLU A 31 -4.24 28.39 21.67
CA GLU A 31 -5.55 28.00 22.16
C GLU A 31 -5.53 26.55 22.68
N GLY A 32 -5.99 26.39 23.92
CA GLY A 32 -6.01 25.09 24.59
C GLY A 32 -5.18 25.11 25.86
N PRO A 33 -5.39 24.13 26.73
CA PRO A 33 -4.69 24.10 28.02
C PRO A 33 -3.17 23.97 27.83
N LEU A 34 -2.37 24.74 28.57
CA LEU A 34 -0.91 24.74 28.35
C LEU A 34 -0.29 23.42 28.84
N LEU A 35 0.58 22.86 28.00
CA LEU A 35 1.46 21.76 28.37
C LEU A 35 2.88 22.31 28.48
N GLU A 36 3.80 21.55 29.03
CA GLU A 36 5.18 22.00 29.01
C GLU A 36 6.09 20.81 28.72
N ARG A 37 7.26 21.09 28.15
CA ARG A 37 8.29 20.09 27.97
C ARG A 37 9.51 20.48 28.80
N ARG A 38 9.90 19.58 29.68
CA ARG A 38 11.08 19.77 30.51
C ARG A 38 12.26 19.05 29.85
N ASN A 39 13.42 19.66 30.05
CA ASN A 39 14.69 19.10 29.66
C ASN A 39 14.88 17.76 30.38
N PRO A 40 14.87 16.63 29.64
CA PRO A 40 14.95 15.32 30.29
C PRO A 40 16.24 15.09 31.08
N SER A 41 17.27 15.90 30.87
CA SER A 41 18.55 15.73 31.58
C SER A 41 18.53 16.52 32.89
N ASP A 42 17.62 17.48 32.99
CA ASP A 42 17.58 18.41 34.12
C ASP A 42 16.19 19.01 34.19
N ARG A 43 15.38 18.47 35.09
CA ARG A 43 13.95 18.77 35.18
C ARG A 43 13.70 20.23 35.60
N GLU A 44 14.70 20.93 36.15
CA GLU A 44 14.54 22.36 36.50
C GLU A 44 14.44 23.22 35.23
N ASP A 45 15.01 22.76 34.11
CA ASP A 45 15.05 23.53 32.87
C ASP A 45 13.83 23.26 32.00
N VAL A 46 13.01 24.29 31.83
CA VAL A 46 11.78 24.21 31.05
C VAL A 46 12.10 24.67 29.63
N VAL A 47 11.90 23.81 28.64
CA VAL A 47 12.26 24.12 27.27
C VAL A 47 11.11 24.92 26.63
N ALA A 48 9.88 24.42 26.78
CA ALA A 48 8.77 25.04 26.05
C ALA A 48 7.47 24.94 26.84
N ARG A 49 6.56 25.84 26.51
CA ARG A 49 5.19 25.84 26.99
C ARG A 49 4.29 25.98 25.75
N PHE A 50 3.36 25.06 25.59
CA PHE A 50 2.62 24.97 24.33
C PHE A 50 1.23 24.38 24.59
N PRO A 51 0.25 24.73 23.74
CA PRO A 51 -1.10 24.32 23.96
C PRO A 51 -1.48 22.95 23.35
N GLU A 52 -2.55 22.37 23.90
CA GLU A 52 -3.12 21.12 23.43
C GLU A 52 -4.28 21.44 22.46
N ALA A 53 -4.10 21.09 21.20
CA ALA A 53 -5.12 21.34 20.22
C ALA A 53 -6.31 20.40 20.47
N ASP A 54 -7.51 20.97 20.49
CA ASP A 54 -8.72 20.19 20.61
C ASP A 54 -9.13 19.66 19.22
N LYS A 55 -10.07 18.74 19.18
CA LYS A 55 -10.44 18.09 17.95
C LYS A 55 -10.97 19.13 16.96
N ASP A 56 -11.64 20.18 17.44
CA ASP A 56 -12.15 21.21 16.52
C ASP A 56 -11.03 21.98 15.85
N LEU A 57 -9.91 22.14 16.53
CA LEU A 57 -8.80 22.85 15.93
C LEU A 57 -8.07 21.96 14.91
N VAL A 58 -8.02 20.65 15.17
CA VAL A 58 -7.42 19.72 14.20
C VAL A 58 -8.31 19.69 12.94
N ARG A 59 -9.62 19.69 13.15
CA ARG A 59 -10.59 19.82 12.06
C ARG A 59 -10.29 21.08 11.24
N LYS A 60 -10.11 22.20 11.93
CA LYS A 60 -9.87 23.47 11.25
C LYS A 60 -8.55 23.39 10.47
N ALA A 61 -7.54 22.78 11.07
CA ALA A 61 -6.24 22.60 10.42
C ALA A 61 -6.38 21.74 9.17
N ALA A 62 -7.14 20.64 9.24
CA ALA A 62 -7.36 19.80 8.05
C ALA A 62 -8.05 20.60 6.95
N LEU A 63 -8.94 21.52 7.31
CA LEU A 63 -9.67 22.31 6.30
C LEU A 63 -8.75 23.39 5.71
N LYS A 64 -7.81 23.95 6.47
CA LYS A 64 -6.85 24.86 5.84
C LYS A 64 -6.02 24.09 4.81
N ALA A 65 -5.52 22.92 5.23
CA ALA A 65 -4.76 22.04 4.34
C ALA A 65 -5.58 21.74 3.09
N ARG A 66 -6.85 21.44 3.25
CA ARG A 66 -7.70 21.17 2.09
C ARG A 66 -7.77 22.42 1.21
N GLU A 67 -7.87 23.61 1.82
CA GLU A 67 -8.02 24.86 1.04
C GLU A 67 -6.71 25.16 0.30
N ALA A 68 -5.58 24.75 0.85
CA ALA A 68 -4.28 25.09 0.28
C ALA A 68 -3.89 24.13 -0.85
N PHE A 69 -4.55 22.98 -0.95
CA PHE A 69 -4.13 21.89 -1.83
C PHE A 69 -4.25 22.25 -3.32
N ALA A 70 -5.32 22.92 -3.72
CA ALA A 70 -5.53 23.29 -5.11
C ALA A 70 -4.32 24.07 -5.66
N GLU A 71 -3.88 25.12 -4.97
CA GLU A 71 -2.75 25.95 -5.43
C GLU A 71 -1.44 25.16 -5.37
N TRP A 72 -1.22 24.41 -4.30
CA TRP A 72 0.04 23.71 -4.15
C TRP A 72 0.15 22.56 -5.16
N SER A 73 -0.90 21.77 -5.36
CA SER A 73 -0.78 20.64 -6.30
C SER A 73 -0.55 21.14 -7.73
N ARG A 74 -1.07 22.32 -8.08
CA ARG A 74 -0.89 22.91 -9.41
C ARG A 74 0.45 23.66 -9.49
N THR A 75 1.17 23.84 -8.38
CA THR A 75 2.54 24.36 -8.47
C THR A 75 3.44 23.29 -9.09
N PRO A 76 4.05 23.58 -10.26
CA PRO A 76 4.90 22.63 -10.98
C PRO A 76 5.89 21.92 -10.04
N ALA A 77 6.04 20.62 -10.21
CA ALA A 77 6.86 19.83 -9.28
C ALA A 77 8.28 20.39 -9.18
N PRO A 78 8.87 20.88 -10.29
CA PRO A 78 10.24 21.39 -10.20
C PRO A 78 10.37 22.66 -9.33
N ILE A 79 9.30 23.45 -9.27
CA ILE A 79 9.26 24.62 -8.40
C ILE A 79 9.09 24.18 -6.94
N ARG A 80 8.25 23.16 -6.69
CA ARG A 80 8.10 22.63 -5.33
C ARG A 80 9.47 22.09 -4.86
N GLY A 81 10.23 21.54 -5.80
CA GLY A 81 11.56 21.02 -5.50
C GLY A 81 12.56 22.13 -5.21
N GLN A 82 12.33 23.30 -5.80
CA GLN A 82 13.21 24.44 -5.56
C GLN A 82 12.97 24.91 -4.12
N VAL A 83 11.73 24.79 -3.65
CA VAL A 83 11.43 25.12 -2.27
C VAL A 83 12.22 24.17 -1.35
N LEU A 84 12.24 22.90 -1.66
CA LEU A 84 13.01 21.98 -0.82
C LEU A 84 14.51 22.31 -0.92
N PHE A 85 14.98 22.75 -2.08
CA PHE A 85 16.40 23.13 -2.20
C PHE A 85 16.70 24.31 -1.25
N ASN A 86 15.83 25.32 -1.25
CA ASN A 86 15.92 26.40 -0.24
C ASN A 86 16.02 25.79 1.17
N LEU A 87 15.26 24.73 1.42
CA LEU A 87 15.25 24.13 2.77
C LEU A 87 16.57 23.41 3.04
N VAL A 88 17.21 22.84 2.04
CA VAL A 88 18.52 22.22 2.23
C VAL A 88 19.51 23.27 2.74
N LYS A 89 19.48 24.45 2.13
CA LYS A 89 20.46 25.49 2.48
C LYS A 89 20.17 25.98 3.91
N ILE A 90 18.89 26.14 4.22
CA ILE A 90 18.48 26.63 5.53
C ILE A 90 18.79 25.59 6.62
N LEU A 91 18.57 24.32 6.37
CA LEU A 91 18.91 23.27 7.37
C LEU A 91 20.43 23.27 7.63
N GLU A 92 21.21 23.34 6.56
CA GLU A 92 22.67 23.48 6.62
C GLU A 92 23.08 24.64 7.54
N ARG A 93 22.48 25.81 7.31
CA ARG A 93 22.76 27.01 8.11
C ARG A 93 22.48 26.69 9.58
N GLU A 94 21.34 26.03 9.84
CA GLU A 94 20.78 25.92 11.20
C GLU A 94 21.28 24.65 11.91
N LYS A 95 22.09 23.82 11.26
CA LYS A 95 22.44 22.51 11.81
C LYS A 95 23.10 22.64 13.19
N PRO A 96 24.08 23.54 13.39
CA PRO A 96 24.65 23.67 14.77
C PRO A 96 23.62 24.05 15.84
N THR A 97 22.69 24.95 15.51
CA THR A 97 21.66 25.39 16.45
C THR A 97 20.64 24.27 16.72
N LEU A 98 20.12 23.65 15.66
CA LEU A 98 19.20 22.51 15.80
C LEU A 98 19.88 21.38 16.56
N THR A 99 21.17 21.15 16.33
CA THR A 99 21.88 20.13 17.11
C THR A 99 21.77 20.46 18.61
N ARG A 100 22.02 21.71 18.99
CA ARG A 100 22.12 22.08 20.41
C ARG A 100 20.73 22.06 21.05
N LEU A 101 19.73 22.56 20.33
CA LEU A 101 18.34 22.48 20.80
C LEU A 101 17.96 21.02 21.03
N MET A 102 18.36 20.10 20.15
CA MET A 102 17.96 18.68 20.23
C MET A 102 18.62 18.03 21.46
N VAL A 103 19.85 18.39 21.77
CA VAL A 103 20.51 17.87 22.97
C VAL A 103 19.69 18.29 24.22
N ARG A 104 19.26 19.55 24.25
CA ARG A 104 18.53 20.08 25.40
C ARG A 104 17.13 19.46 25.49
N GLU A 105 16.40 19.39 24.37
CA GLU A 105 14.97 19.05 24.37
C GLU A 105 14.75 17.51 24.46
N VAL A 106 15.59 16.69 23.84
CA VAL A 106 15.29 15.20 23.86
C VAL A 106 16.45 14.39 24.46
N GLY A 107 17.56 15.01 24.83
CA GLY A 107 18.59 14.30 25.63
C GLY A 107 19.54 13.45 24.80
N LYS A 108 19.55 13.63 23.48
CA LYS A 108 20.53 12.97 22.59
C LYS A 108 21.90 13.65 22.71
N THR A 109 22.96 12.87 22.42
CA THR A 109 24.34 13.37 22.36
C THR A 109 24.48 14.31 21.16
N PRO A 110 25.40 15.28 21.24
CA PRO A 110 25.62 16.15 20.07
C PRO A 110 25.99 15.36 18.80
N LYS A 111 26.85 14.36 18.91
CA LYS A 111 27.19 13.50 17.77
C LYS A 111 25.90 12.97 17.10
N GLU A 112 24.99 12.41 17.88
CA GLU A 112 23.78 11.76 17.34
C GLU A 112 22.76 12.80 16.88
N ALA A 113 22.72 13.93 17.56
CA ALA A 113 21.80 14.99 17.22
C ALA A 113 22.17 15.57 15.85
N ALA A 114 23.45 15.80 15.60
CA ALA A 114 23.92 16.30 14.31
C ALA A 114 23.56 15.28 13.22
N GLY A 115 23.83 14.00 13.49
CA GLY A 115 23.44 12.91 12.60
C GLY A 115 21.95 12.95 12.25
N ASP A 116 21.13 13.19 13.26
CA ASP A 116 19.68 13.27 13.10
C ASP A 116 19.32 14.40 12.12
N VAL A 117 19.89 15.58 12.34
CA VAL A 117 19.62 16.74 11.49
C VAL A 117 20.14 16.46 10.07
N GLN A 118 21.31 15.82 9.97
CA GLN A 118 21.90 15.49 8.67
C GLN A 118 20.93 14.62 7.86
N GLU A 119 20.24 13.68 8.50
CA GLU A 119 19.32 12.80 7.79
C GLU A 119 18.24 13.64 7.09
N ALA A 120 17.87 14.76 7.69
CA ALA A 120 16.83 15.63 7.13
C ALA A 120 17.40 16.39 5.92
N ILE A 121 18.61 16.90 6.08
CA ILE A 121 19.32 17.54 4.98
C ILE A 121 19.42 16.54 3.81
N ASP A 122 19.96 15.35 4.06
CA ASP A 122 20.02 14.30 3.03
C ASP A 122 18.68 14.08 2.35
N THR A 123 17.60 14.01 3.15
CA THR A 123 16.26 13.77 2.62
C THR A 123 15.83 14.96 1.76
N ALA A 124 16.09 16.17 2.23
CA ALA A 124 15.70 17.38 1.53
C ALA A 124 16.40 17.48 0.17
N LEU A 125 17.69 17.12 0.10
CA LEU A 125 18.43 17.15 -1.18
C LEU A 125 17.85 16.09 -2.14
N PHE A 126 17.61 14.89 -1.63
CA PHE A 126 17.10 13.82 -2.48
C PHE A 126 15.80 14.29 -3.16
N PHE A 127 14.90 14.91 -2.40
CA PHE A 127 13.55 15.18 -2.88
C PHE A 127 13.51 16.53 -3.62
N ALA A 128 14.42 17.44 -3.34
CA ALA A 128 14.57 18.68 -4.14
C ALA A 128 14.75 18.32 -5.62
N SER A 129 15.68 17.40 -5.86
CA SER A 129 15.97 16.92 -7.19
C SER A 129 14.80 16.10 -7.75
N GLU A 130 14.08 15.40 -6.89
CA GLU A 130 12.99 14.51 -7.32
C GLU A 130 11.88 15.32 -8.00
N GLY A 131 11.90 16.64 -7.84
CA GLY A 131 10.90 17.49 -8.46
C GLY A 131 10.96 17.48 -9.98
N ARG A 132 12.13 17.10 -10.54
CA ARG A 132 12.30 17.01 -11.99
C ARG A 132 12.22 15.54 -12.45
N ARG A 133 11.73 14.65 -11.58
CA ARG A 133 11.66 13.21 -11.85
C ARG A 133 10.19 12.80 -11.71
N LEU A 134 9.81 12.15 -10.61
CA LEU A 134 8.42 11.68 -10.37
C LEU A 134 7.90 10.91 -11.60
N TYR A 135 8.75 10.08 -12.18
CA TYR A 135 8.49 9.58 -13.53
C TYR A 135 7.20 8.73 -13.56
N GLY A 136 6.31 8.99 -14.51
CA GLY A 136 5.32 7.98 -14.94
C GLY A 136 5.79 7.28 -16.21
N GLN A 137 4.90 6.58 -16.91
CA GLN A 137 5.31 5.78 -18.07
C GLN A 137 4.52 6.22 -19.32
N THR A 138 5.19 6.06 -20.47
CA THR A 138 4.51 5.96 -21.76
C THR A 138 4.48 4.47 -22.12
N VAL A 139 3.34 4.00 -22.61
CA VAL A 139 3.13 2.58 -22.81
C VAL A 139 2.49 2.39 -24.19
N PRO A 140 3.01 1.44 -24.97
CA PRO A 140 2.45 1.20 -26.30
C PRO A 140 1.08 0.52 -26.22
N SER A 141 0.09 1.06 -26.92
CA SER A 141 -1.23 0.48 -27.01
C SER A 141 -1.17 -0.80 -27.85
N GLU A 142 -2.10 -1.73 -27.64
CA GLU A 142 -2.27 -2.85 -28.56
C GLU A 142 -3.15 -2.43 -29.73
N MET A 143 -3.66 -1.19 -29.73
CA MET A 143 -4.50 -0.75 -30.86
C MET A 143 -3.74 0.30 -31.67
N ARG A 144 -4.03 0.37 -32.96
CA ARG A 144 -3.48 1.45 -33.81
C ARG A 144 -4.16 2.76 -33.43
N ASP A 145 -3.46 3.86 -33.63
CA ASP A 145 -3.98 5.20 -33.41
C ASP A 145 -4.44 5.43 -31.98
N LYS A 146 -3.65 4.91 -31.04
CA LYS A 146 -3.96 4.98 -29.62
C LYS A 146 -2.65 5.04 -28.81
N GLU A 147 -2.65 5.84 -27.74
CA GLU A 147 -1.46 6.00 -26.91
C GLU A 147 -1.87 5.88 -25.43
N LEU A 148 -1.05 5.19 -24.64
CA LEU A 148 -1.31 4.95 -23.23
C LEU A 148 -0.30 5.73 -22.38
N PHE A 149 -0.72 6.14 -21.18
CA PHE A 149 0.11 6.96 -20.27
C PHE A 149 -0.20 6.61 -18.80
N THR A 150 0.78 6.80 -17.94
CA THR A 150 0.54 6.81 -16.50
C THR A 150 1.13 8.11 -15.93
N PHE A 151 0.45 8.68 -14.95
CA PHE A 151 0.96 9.85 -14.19
C PHE A 151 0.86 9.60 -12.69
N ARG A 152 1.80 10.15 -11.94
CA ARG A 152 1.70 10.15 -10.48
C ARG A 152 0.93 11.39 -10.03
N ARG A 153 -0.13 11.19 -9.23
CA ARG A 153 -0.97 12.30 -8.75
C ARG A 153 -0.92 12.33 -7.23
N PRO A 154 -1.04 13.54 -6.64
CA PRO A 154 -1.09 13.66 -5.20
C PRO A 154 -2.44 13.15 -4.67
N LEU A 155 -2.42 12.77 -3.40
CA LEU A 155 -3.56 12.15 -2.73
C LEU A 155 -4.51 13.22 -2.20
N GLY A 156 -3.96 14.22 -1.52
CA GLY A 156 -4.75 15.23 -0.86
C GLY A 156 -4.09 15.76 0.41
N VAL A 157 -4.79 15.61 1.53
CA VAL A 157 -4.32 16.06 2.83
C VAL A 157 -3.78 14.85 3.62
N VAL A 158 -2.57 15.01 4.13
CA VAL A 158 -1.86 13.93 4.84
C VAL A 158 -1.91 14.22 6.34
N GLY A 159 -2.34 13.25 7.14
CA GLY A 159 -2.20 13.33 8.56
C GLY A 159 -0.94 12.62 9.02
N ILE A 160 -0.13 13.27 9.85
CA ILE A 160 1.18 12.74 10.24
C ILE A 160 1.32 12.80 11.77
N ILE A 161 1.68 11.68 12.39
CA ILE A 161 2.01 11.65 13.83
C ILE A 161 3.40 11.04 13.99
N THR A 162 4.29 11.72 14.71
CA THR A 162 5.68 11.32 14.83
C THR A 162 6.13 11.28 16.30
N ALA A 163 7.05 10.38 16.59
CA ALA A 163 7.64 10.24 17.91
C ALA A 163 8.73 11.32 18.09
N GLY A 164 9.42 11.28 19.23
CA GLY A 164 10.39 12.31 19.56
C GLY A 164 11.80 11.76 19.67
N ASN A 165 12.03 10.47 19.36
CA ASN A 165 13.38 9.89 19.46
C ASN A 165 14.22 10.30 18.25
N PHE A 166 13.58 10.70 17.15
CA PHE A 166 14.25 11.24 15.98
C PHE A 166 13.43 12.44 15.50
N PRO A 167 13.52 13.56 16.24
CA PRO A 167 12.57 14.66 16.15
C PRO A 167 12.71 15.53 14.88
N ILE A 168 13.83 15.42 14.19
CA ILE A 168 14.00 16.10 12.91
C ILE A 168 14.07 15.06 11.77
N ALA A 169 14.85 13.99 11.94
CA ALA A 169 15.05 13.01 10.86
C ALA A 169 13.72 12.41 10.38
N VAL A 170 12.97 11.82 11.31
CA VAL A 170 11.85 10.92 10.95
C VAL A 170 10.64 11.74 10.50
N PRO A 171 10.40 12.91 11.09
CA PRO A 171 9.40 13.77 10.47
C PRO A 171 9.77 14.20 9.03
N SER A 172 11.07 14.44 8.80
CA SER A 172 11.51 14.83 7.45
C SER A 172 11.17 13.73 6.42
N TRP A 173 11.30 12.45 6.79
CA TRP A 173 10.96 11.34 5.88
C TRP A 173 9.50 11.43 5.40
N LYS A 174 8.64 12.06 6.17
CA LYS A 174 7.18 12.12 5.84
C LYS A 174 6.84 13.47 5.23
N LEU A 175 7.21 14.55 5.92
CA LEU A 175 6.89 15.93 5.53
C LEU A 175 7.42 16.24 4.12
N ILE A 176 8.65 15.85 3.85
CA ILE A 176 9.37 16.33 2.65
C ILE A 176 8.80 15.68 1.39
N PRO A 177 8.74 14.33 1.33
CA PRO A 177 8.14 13.73 0.13
C PRO A 177 6.65 14.07 -0.03
N ALA A 178 5.96 14.26 1.09
CA ALA A 178 4.54 14.57 1.06
C ALA A 178 4.29 15.89 0.33
N VAL A 179 5.06 16.93 0.67
CA VAL A 179 4.86 18.24 0.03
C VAL A 179 5.49 18.22 -1.37
N LEU A 180 6.63 17.55 -1.54
CA LEU A 180 7.23 17.46 -2.88
C LEU A 180 6.20 16.92 -3.90
N THR A 181 5.43 15.89 -3.49
CA THR A 181 4.54 15.17 -4.43
C THR A 181 3.19 15.91 -4.56
N GLY A 182 3.07 17.10 -3.95
CA GLY A 182 1.95 18.01 -4.21
C GLY A 182 0.83 17.93 -3.17
N ASN A 183 1.08 17.23 -2.05
CA ASN A 183 0.11 17.09 -0.96
C ASN A 183 0.26 18.25 0.04
N THR A 184 -0.77 18.41 0.87
CA THR A 184 -0.72 19.29 2.03
C THR A 184 -0.78 18.43 3.29
N VAL A 185 -0.45 19.03 4.44
CA VAL A 185 -0.15 18.26 5.63
C VAL A 185 -0.74 18.91 6.88
N VAL A 186 -1.30 18.04 7.75
CA VAL A 186 -1.54 18.33 9.14
C VAL A 186 -0.60 17.43 9.96
N TRP A 187 0.22 18.05 10.81
CA TRP A 187 1.29 17.34 11.54
C TRP A 187 1.07 17.50 13.06
N LYS A 188 0.92 16.37 13.74
CA LYS A 188 0.85 16.32 15.17
C LYS A 188 2.17 15.76 15.68
N PRO A 189 3.08 16.65 16.11
CA PRO A 189 4.40 16.21 16.56
C PRO A 189 4.40 15.69 17.99
N SER A 190 5.48 15.02 18.40
CA SER A 190 5.60 14.53 19.74
C SER A 190 5.63 15.73 20.72
N GLU A 191 4.91 15.56 21.81
CA GLU A 191 5.01 16.42 22.98
C GLU A 191 6.42 16.35 23.60
N ASP A 192 7.25 15.38 23.20
CA ASP A 192 8.63 15.32 23.70
C ASP A 192 9.56 16.26 22.92
N ALA A 193 9.09 16.81 21.79
CA ALA A 193 9.97 17.68 21.01
C ALA A 193 9.15 18.76 20.28
N PRO A 194 8.37 19.53 21.03
CA PRO A 194 7.56 20.62 20.44
C PRO A 194 8.40 21.77 19.85
N THR A 195 9.50 22.15 20.51
CA THR A 195 10.28 23.29 20.04
C THR A 195 10.94 22.96 18.69
N LEU A 196 11.63 21.83 18.65
CA LEU A 196 12.25 21.36 17.41
C LEU A 196 11.22 21.34 16.28
N SER A 197 10.00 20.95 16.60
CA SER A 197 8.97 20.76 15.60
C SER A 197 8.49 22.12 15.10
N PHE A 198 8.38 23.06 16.03
CA PHE A 198 7.94 24.42 15.71
C PHE A 198 8.95 25.08 14.76
N VAL A 199 10.21 24.93 15.13
CA VAL A 199 11.31 25.54 14.40
C VAL A 199 11.37 24.94 12.98
N PHE A 200 11.30 23.62 12.88
CA PHE A 200 11.34 22.95 11.59
C PHE A 200 10.23 23.52 10.67
N ALA A 201 9.04 23.69 11.21
CA ALA A 201 7.92 24.18 10.44
C ALA A 201 8.23 25.61 9.97
N LYS A 202 8.94 26.38 10.81
CA LYS A 202 9.28 27.77 10.48
C LYS A 202 10.37 27.81 9.39
N LEU A 203 11.25 26.81 9.37
CA LEU A 203 12.26 26.72 8.33
C LEU A 203 11.59 26.38 6.99
N PHE A 204 10.57 25.50 6.98
CA PHE A 204 9.80 25.27 5.75
C PHE A 204 9.16 26.59 5.28
N GLU A 205 8.68 27.38 6.24
CA GLU A 205 8.08 28.68 5.93
C GLU A 205 9.14 29.60 5.29
N GLU A 206 10.35 29.58 5.85
CA GLU A 206 11.44 30.43 5.35
C GLU A 206 11.79 30.01 3.92
N ALA A 207 11.72 28.72 3.63
CA ALA A 207 12.13 28.17 2.35
C ALA A 207 11.11 28.51 1.25
N GLY A 208 9.96 29.04 1.64
CA GLY A 208 8.96 29.50 0.68
C GLY A 208 7.73 28.62 0.63
N LEU A 209 7.57 27.68 1.56
CA LEU A 209 6.38 26.83 1.53
C LEU A 209 5.16 27.71 1.80
N PRO A 210 4.13 27.67 0.94
CA PRO A 210 2.98 28.56 1.14
C PRO A 210 2.22 28.24 2.44
N PRO A 211 1.61 29.27 3.05
CA PRO A 211 0.86 29.05 4.29
C PRO A 211 -0.31 28.09 4.06
N GLY A 212 -0.43 27.08 4.93
CA GLY A 212 -1.55 26.13 4.86
C GLY A 212 -1.16 24.81 4.22
N VAL A 213 0.03 24.73 3.63
CA VAL A 213 0.53 23.50 3.06
C VAL A 213 1.06 22.63 4.21
N LEU A 214 1.69 23.27 5.21
CA LEU A 214 2.05 22.58 6.46
C LEU A 214 1.36 23.27 7.65
N ASN A 215 0.51 22.50 8.35
CA ASN A 215 -0.18 22.92 9.57
C ASN A 215 0.30 22.04 10.73
N VAL A 216 0.59 22.68 11.86
CA VAL A 216 1.13 21.97 13.01
C VAL A 216 0.19 22.14 14.21
N VAL A 217 -0.32 21.01 14.71
CA VAL A 217 -1.18 20.95 15.90
C VAL A 217 -0.47 20.17 17.00
N PHE A 218 -0.12 20.87 18.08
CA PHE A 218 0.55 20.27 19.24
C PHE A 218 -0.48 19.61 20.17
N GLY A 219 0.01 18.67 20.97
CA GLY A 219 -0.83 17.93 21.90
C GLY A 219 -0.18 16.62 22.31
N GLY A 220 -0.92 15.85 23.09
CA GLY A 220 -0.52 14.49 23.43
C GLY A 220 -1.05 13.48 22.43
N GLY A 221 -1.06 12.22 22.84
CA GLY A 221 -1.50 11.11 21.99
C GLY A 221 -2.84 10.57 22.42
N LYS A 222 -2.80 9.49 23.19
CA LYS A 222 -3.97 8.79 23.72
C LYS A 222 -4.85 9.76 24.54
N GLY A 223 -6.15 9.85 24.22
CA GLY A 223 -7.08 10.75 24.89
C GLY A 223 -6.75 12.23 24.66
N SER A 224 -5.98 12.51 23.62
CA SER A 224 -5.56 13.88 23.30
C SER A 224 -5.50 14.04 21.78
N THR A 225 -4.74 15.03 21.33
CA THR A 225 -4.71 15.50 19.93
C THR A 225 -4.36 14.36 18.97
N GLY A 226 -3.44 13.49 19.35
CA GLY A 226 -3.07 12.35 18.54
C GLY A 226 -4.28 11.51 18.15
N GLN A 227 -5.05 11.17 19.17
CA GLN A 227 -6.23 10.35 18.98
C GLN A 227 -7.28 11.13 18.19
N TRP A 228 -7.47 12.42 18.53
CA TRP A 228 -8.48 13.23 17.81
C TRP A 228 -8.20 13.12 16.31
N MET A 229 -6.92 13.15 15.96
CA MET A 229 -6.56 13.27 14.57
C MET A 229 -6.79 11.95 13.83
N VAL A 230 -6.45 10.83 14.46
CA VAL A 230 -6.77 9.54 13.88
C VAL A 230 -8.28 9.45 13.65
N GLU A 231 -9.08 9.91 14.61
CA GLU A 231 -10.54 9.78 14.54
C GLU A 231 -11.10 10.59 13.36
N LEU A 232 -10.42 11.65 12.96
CA LEU A 232 -10.90 12.49 11.86
C LEU A 232 -10.80 11.75 10.53
N MET A 233 -10.08 10.64 10.47
CA MET A 233 -10.14 9.84 9.25
C MET A 233 -11.57 9.40 8.99
N ASP A 234 -12.38 9.19 10.03
CA ASP A 234 -13.77 8.82 9.85
C ASP A 234 -14.63 9.98 9.31
N GLU A 235 -14.10 11.19 9.26
CA GLU A 235 -14.85 12.33 8.72
C GLU A 235 -14.40 12.67 7.30
N GLY A 236 -13.45 11.92 6.76
CA GLY A 236 -12.96 12.10 5.37
C GLY A 236 -12.00 13.26 5.21
N LEU A 237 -11.38 13.71 6.30
CA LEU A 237 -10.56 14.93 6.23
C LEU A 237 -9.10 14.61 5.89
N PHE A 238 -8.77 13.33 5.74
CA PHE A 238 -7.44 12.89 5.35
C PHE A 238 -7.52 11.92 4.17
N GLN A 239 -6.65 12.12 3.18
CA GLN A 239 -6.51 11.18 2.10
C GLN A 239 -5.31 10.26 2.35
N LYS A 240 -4.53 10.49 3.41
CA LYS A 240 -3.38 9.65 3.73
C LYS A 240 -3.05 9.82 5.22
N PHE A 241 -2.34 8.86 5.81
CA PHE A 241 -1.93 8.96 7.21
C PHE A 241 -0.58 8.29 7.38
N ALA A 242 0.28 8.86 8.20
CA ALA A 242 1.56 8.27 8.51
C ALA A 242 1.80 8.38 10.02
N PHE A 243 2.36 7.30 10.57
CA PHE A 243 2.55 7.17 12.00
C PHE A 243 3.85 6.42 12.30
N THR A 244 4.59 6.96 13.27
CA THR A 244 5.74 6.27 13.88
C THR A 244 5.45 6.07 15.37
N GLY A 245 5.47 4.85 15.87
CA GLY A 245 5.32 4.61 17.29
C GLY A 245 5.18 3.13 17.60
N SER A 246 4.26 2.80 18.51
CA SER A 246 4.10 1.43 19.03
C SER A 246 3.23 0.58 18.08
N THR A 247 3.45 -0.72 18.11
CA THR A 247 2.67 -1.61 17.26
C THR A 247 1.19 -1.49 17.60
N GLN A 248 0.90 -1.49 18.90
CA GLN A 248 -0.49 -1.55 19.40
C GLN A 248 -1.27 -0.32 18.89
N VAL A 249 -0.67 0.87 18.97
CA VAL A 249 -1.33 2.07 18.44
C VAL A 249 -1.43 1.92 16.91
N GLY A 250 -0.36 1.43 16.30
CA GLY A 250 -0.29 1.20 14.87
C GLY A 250 -1.43 0.36 14.33
N ARG A 251 -1.73 -0.74 15.00
CA ARG A 251 -2.82 -1.62 14.54
C ARG A 251 -4.13 -0.85 14.57
N TRP A 252 -4.30 0.01 15.58
CA TRP A 252 -5.55 0.76 15.69
C TRP A 252 -5.64 1.76 14.54
N ILE A 253 -4.54 2.45 14.24
CA ILE A 253 -4.52 3.38 13.13
C ILE A 253 -4.70 2.61 11.80
N GLY A 254 -4.09 1.42 11.71
CA GLY A 254 -4.31 0.53 10.57
C GLY A 254 -5.79 0.31 10.28
N GLU A 255 -6.51 0.06 11.37
CA GLU A 255 -7.94 -0.31 11.37
C GLU A 255 -8.81 0.86 10.89
N VAL A 256 -8.56 2.04 11.46
CA VAL A 256 -9.35 3.24 11.17
C VAL A 256 -9.13 3.64 9.70
N ALA A 257 -7.86 3.70 9.31
CA ALA A 257 -7.50 4.00 7.95
C ALA A 257 -8.12 2.94 7.02
N GLY A 258 -7.91 1.68 7.37
CA GLY A 258 -8.49 0.55 6.63
C GLY A 258 -9.92 0.82 6.18
N ARG A 259 -10.80 1.15 7.12
CA ARG A 259 -12.22 1.25 6.83
C ARG A 259 -12.50 2.53 6.03
N ASN A 260 -11.58 3.49 6.09
CA ASN A 260 -11.66 4.73 5.30
C ASN A 260 -10.87 4.59 3.98
N LEU A 261 -10.49 3.38 3.61
CA LEU A 261 -9.86 3.09 2.31
C LEU A 261 -8.57 3.91 2.16
N ILE A 262 -7.77 3.97 3.22
CA ILE A 262 -6.48 4.60 3.22
C ILE A 262 -5.42 3.53 3.54
N ARG A 263 -4.25 3.64 2.89
CA ARG A 263 -3.09 2.84 3.24
C ARG A 263 -2.13 3.69 4.08
N PRO A 264 -2.14 3.47 5.40
CA PRO A 264 -1.27 4.30 6.23
C PRO A 264 0.20 3.86 6.15
N THR A 265 1.11 4.82 6.29
CA THR A 265 2.49 4.48 6.50
C THR A 265 2.68 4.24 8.01
N LEU A 266 3.15 3.04 8.36
CA LEU A 266 3.25 2.66 9.77
C LEU A 266 4.66 2.08 10.02
N GLU A 267 5.50 2.86 10.69
CA GLU A 267 6.76 2.38 11.20
C GLU A 267 6.54 2.04 12.67
N LEU A 268 6.64 0.76 13.06
CA LEU A 268 6.10 0.33 14.36
C LEU A 268 7.12 -0.42 15.24
N GLY A 269 8.40 -0.16 15.13
CA GLY A 269 9.24 -0.82 16.16
C GLY A 269 9.46 -2.32 15.91
N GLY A 270 10.27 -2.93 16.76
CA GLY A 270 10.96 -4.12 16.38
C GLY A 270 11.64 -4.79 17.55
N LYS A 271 12.14 -5.98 17.28
CA LYS A 271 12.97 -6.75 18.19
C LYS A 271 14.11 -7.33 17.36
N ASN A 272 15.16 -6.52 17.21
CA ASN A 272 16.08 -6.66 16.09
C ASN A 272 17.20 -7.63 16.45
N PRO A 273 17.30 -8.76 15.72
CA PRO A 273 18.33 -9.78 15.98
C PRO A 273 19.69 -9.42 15.36
N LEU A 274 20.75 -9.68 16.12
CA LEU A 274 22.10 -9.51 15.64
C LEU A 274 22.86 -10.82 15.91
N VAL A 275 23.23 -11.52 14.85
CA VAL A 275 23.87 -12.84 14.95
C VAL A 275 25.38 -12.66 14.91
N VAL A 276 26.10 -13.44 15.71
CA VAL A 276 27.56 -13.46 15.70
C VAL A 276 28.01 -14.91 15.49
N MET A 277 28.47 -15.21 14.27
CA MET A 277 28.87 -16.58 13.92
C MET A 277 30.31 -16.82 14.40
N ARG A 278 30.65 -18.10 14.54
CA ARG A 278 31.94 -18.53 15.15
C ARG A 278 33.13 -17.93 14.40
N ASP A 279 32.99 -17.64 13.11
CA ASP A 279 34.09 -17.06 12.32
C ASP A 279 34.10 -15.52 12.27
N ALA A 280 33.28 -14.89 13.09
CA ALA A 280 33.20 -13.43 13.03
C ALA A 280 34.49 -12.80 13.58
N ASP A 281 34.79 -11.63 13.06
CA ASP A 281 35.77 -10.73 13.64
C ASP A 281 35.21 -10.24 15.00
N LEU A 282 35.69 -10.82 16.11
CA LEU A 282 35.06 -10.66 17.44
C LEU A 282 34.96 -9.18 17.83
N ASP A 283 36.06 -8.43 17.79
CA ASP A 283 36.01 -7.05 18.27
C ASP A 283 35.09 -6.18 17.45
N LEU A 284 34.95 -6.49 16.16
CA LEU A 284 34.07 -5.73 15.27
C LEU A 284 32.61 -6.01 15.62
N ALA A 285 32.31 -7.27 15.92
CA ALA A 285 30.98 -7.70 16.27
C ALA A 285 30.61 -7.16 17.66
N VAL A 286 31.54 -7.25 18.60
CA VAL A 286 31.35 -6.68 19.94
C VAL A 286 31.03 -5.19 19.80
N GLU A 287 31.79 -4.46 19.01
CA GLU A 287 31.57 -3.01 18.85
C GLU A 287 30.21 -2.76 18.18
N GLY A 288 29.83 -3.62 17.24
CA GLY A 288 28.58 -3.46 16.52
C GLY A 288 27.39 -3.80 17.40
N ALA A 289 27.53 -4.81 18.23
CA ALA A 289 26.47 -5.20 19.15
C ALA A 289 26.29 -4.08 20.19
N TRP A 290 27.41 -3.61 20.73
CA TRP A 290 27.37 -2.56 21.74
C TRP A 290 26.66 -1.31 21.20
N TRP A 291 27.07 -0.83 20.05
CA TRP A 291 26.47 0.38 19.46
C TRP A 291 25.00 0.12 19.10
N SER A 292 24.68 -1.07 18.59
CA SER A 292 23.29 -1.42 18.26
C SER A 292 22.39 -1.33 19.50
N ALA A 293 22.94 -1.70 20.66
CA ALA A 293 22.18 -1.74 21.92
C ALA A 293 22.06 -0.35 22.56
N PHE A 294 23.08 0.49 22.46
CA PHE A 294 23.17 1.62 23.39
C PHE A 294 23.17 2.99 22.69
N ALA A 295 23.24 3.04 21.38
CA ALA A 295 22.99 4.28 20.65
C ALA A 295 21.63 4.80 21.07
N THR A 296 21.53 6.08 21.41
CA THR A 296 20.27 6.71 21.79
C THR A 296 19.73 6.02 23.06
N GLY A 297 20.63 5.44 23.84
CA GLY A 297 20.24 4.74 25.06
C GLY A 297 19.23 3.65 24.80
N GLY A 298 19.33 3.01 23.64
CA GLY A 298 18.48 1.91 23.25
C GLY A 298 17.08 2.36 22.90
N GLN A 299 16.93 3.63 22.50
CA GLN A 299 15.62 4.20 22.23
C GLN A 299 15.40 4.38 20.71
N ARG A 300 15.77 3.38 19.92
CA ARG A 300 15.47 3.40 18.49
C ARG A 300 14.60 2.20 18.14
N CYS A 301 13.70 2.36 17.17
CA CYS A 301 12.95 1.20 16.66
CA CYS A 301 12.95 1.21 16.65
C CYS A 301 13.93 0.10 16.23
N THR A 302 15.07 0.52 15.70
CA THR A 302 16.06 -0.39 15.13
C THR A 302 17.03 -0.94 16.18
N SER A 303 16.86 -0.63 17.47
CA SER A 303 17.90 -1.01 18.44
C SER A 303 17.94 -2.54 18.57
N ALA A 304 19.14 -3.05 18.83
CA ALA A 304 19.31 -4.49 19.01
C ALA A 304 18.41 -4.99 20.15
N GLY A 305 17.64 -6.04 19.89
CA GLY A 305 16.83 -6.72 20.88
C GLY A 305 17.55 -7.93 21.45
N ASN A 306 18.20 -8.69 20.58
CA ASN A 306 18.81 -9.96 20.95
C ASN A 306 20.10 -10.16 20.15
N ILE A 307 21.18 -10.48 20.86
CA ILE A 307 22.41 -10.88 20.23
C ILE A 307 22.49 -12.40 20.28
N LEU A 308 22.41 -13.04 19.13
CA LEU A 308 22.41 -14.52 18.99
C LEU A 308 23.85 -14.96 18.71
N VAL A 309 24.47 -15.67 19.65
CA VAL A 309 25.91 -15.92 19.56
C VAL A 309 26.14 -17.41 19.38
N ASP A 310 26.98 -17.72 18.40
CA ASP A 310 27.29 -19.10 18.01
C ASP A 310 28.03 -19.81 19.14
N ALA A 311 27.61 -21.03 19.42
CA ALA A 311 28.05 -21.81 20.59
C ALA A 311 29.56 -21.70 20.81
N PRO A 312 30.39 -22.00 19.81
CA PRO A 312 31.83 -22.07 20.09
C PRO A 312 32.49 -20.76 20.54
N ILE A 313 31.83 -19.62 20.39
CA ILE A 313 32.45 -18.35 20.81
C ILE A 313 31.62 -17.69 21.93
N TYR A 314 30.61 -18.39 22.45
CA TYR A 314 29.65 -17.76 23.35
C TYR A 314 30.38 -17.11 24.55
N GLU A 315 31.22 -17.89 25.22
CA GLU A 315 31.82 -17.47 26.49
C GLU A 315 32.81 -16.31 26.24
N GLU A 316 33.60 -16.42 25.17
CA GLU A 316 34.57 -15.38 24.77
C GLU A 316 33.83 -14.09 24.39
N PHE A 317 32.76 -14.21 23.60
CA PHE A 317 32.02 -13.02 23.19
C PHE A 317 31.39 -12.35 24.42
N LYS A 318 30.79 -13.16 25.29
CA LYS A 318 30.13 -12.62 26.48
C LYS A 318 31.13 -11.81 27.30
N ARG A 319 32.27 -12.42 27.58
CA ARG A 319 33.35 -11.81 28.37
C ARG A 319 33.74 -10.46 27.75
N ARG A 320 33.90 -10.42 26.43
CA ARG A 320 34.36 -9.19 25.77
C ARG A 320 33.24 -8.15 25.71
N PHE A 321 32.01 -8.63 25.56
CA PHE A 321 30.86 -7.74 25.48
C PHE A 321 30.61 -7.07 26.82
N LEU A 322 30.67 -7.84 27.91
CA LEU A 322 30.46 -7.24 29.25
C LEU A 322 31.57 -6.22 29.55
N GLU A 323 32.80 -6.55 29.13
CA GLU A 323 33.93 -5.61 29.26
C GLU A 323 33.56 -4.28 28.59
N ARG A 324 33.01 -4.38 27.39
CA ARG A 324 32.71 -3.20 26.56
C ARG A 324 31.55 -2.41 27.17
N VAL A 325 30.53 -3.10 27.68
CA VAL A 325 29.35 -2.45 28.25
C VAL A 325 29.76 -1.70 29.53
N GLU A 326 30.57 -2.34 30.36
CA GLU A 326 31.05 -1.75 31.61
C GLU A 326 31.73 -0.39 31.35
N ALA A 327 32.35 -0.22 30.18
CA ALA A 327 33.06 1.04 29.84
C ALA A 327 32.10 2.14 29.35
N THR A 328 30.80 1.87 29.24
CA THR A 328 29.87 2.87 28.71
C THR A 328 29.79 4.08 29.64
N LEU A 329 30.01 5.27 29.08
CA LEU A 329 29.74 6.52 29.79
C LEU A 329 28.27 6.89 29.61
N VAL A 330 27.63 7.20 30.73
CA VAL A 330 26.24 7.65 30.77
C VAL A 330 26.22 9.01 31.49
N GLY A 331 25.37 9.95 31.04
CA GLY A 331 25.32 11.23 31.71
C GLY A 331 24.54 12.29 30.95
N ASN A 332 24.58 13.49 31.53
CA ASN A 332 23.96 14.70 30.98
C ASN A 332 24.76 15.14 29.75
N PRO A 333 24.19 14.96 28.55
CA PRO A 333 24.94 15.23 27.32
C PRO A 333 25.21 16.73 27.06
N LEU A 334 24.44 17.62 27.68
CA LEU A 334 24.71 19.06 27.59
C LEU A 334 26.04 19.39 28.27
N LEU A 335 26.27 18.76 29.42
CA LEU A 335 27.44 19.08 30.25
C LEU A 335 28.57 18.10 29.96
N HIS A 336 28.25 16.92 29.43
CA HIS A 336 29.26 15.88 29.19
C HIS A 336 28.99 15.24 27.82
N PRO A 337 29.50 15.86 26.72
CA PRO A 337 29.14 15.43 25.37
C PRO A 337 29.79 14.09 24.97
N GLU A 338 30.79 13.67 25.74
CA GLU A 338 31.54 12.43 25.44
C GLU A 338 30.75 11.18 25.83
N VAL A 339 29.61 11.34 26.49
CA VAL A 339 28.86 10.18 26.96
C VAL A 339 28.23 9.47 25.77
N THR A 340 28.03 8.17 25.91
CA THR A 340 27.35 7.38 24.89
C THR A 340 25.86 7.71 24.86
N TYR A 341 25.22 7.75 26.03
CA TYR A 341 23.78 8.08 26.10
C TYR A 341 23.44 8.80 27.40
N GLY A 342 22.32 9.51 27.35
CA GLY A 342 21.83 10.29 28.49
C GLY A 342 20.51 9.76 29.05
N PRO A 343 19.56 10.68 29.28
CA PRO A 343 18.31 10.29 29.91
C PRO A 343 17.34 9.58 28.95
N PHE A 344 16.29 8.99 29.53
CA PHE A 344 15.10 8.60 28.79
C PHE A 344 14.41 9.85 28.20
N ILE A 345 13.80 9.68 27.05
CA ILE A 345 13.15 10.80 26.34
C ILE A 345 11.90 11.21 27.10
N ASN A 346 11.20 10.23 27.71
CA ASN A 346 9.97 10.53 28.46
C ASN A 346 9.76 9.49 29.57
N GLU A 347 8.76 9.73 30.41
CA GLU A 347 8.47 8.92 31.61
C GLU A 347 7.93 7.55 31.20
N ARG A 348 7.09 7.55 30.17
CA ARG A 348 6.49 6.34 29.62
C ARG A 348 7.56 5.28 29.35
N PHE A 349 8.61 5.64 28.61
CA PHE A 349 9.64 4.66 28.24
C PHE A 349 10.40 4.21 29.50
N PHE A 350 10.67 5.13 30.42
CA PHE A 350 11.37 4.79 31.67
C PHE A 350 10.57 3.74 32.46
N ALA A 351 9.25 3.92 32.49
CA ALA A 351 8.36 3.04 33.25
C ALA A 351 8.38 1.61 32.69
N ARG A 352 8.25 1.48 31.35
CA ARG A 352 8.23 0.17 30.68
C ARG A 352 9.59 -0.50 30.87
N TRP A 353 10.63 0.32 30.98
CA TRP A 353 11.97 -0.20 31.13
C TRP A 353 12.19 -0.72 32.56
N GLN A 354 11.65 -0.01 33.54
CA GLN A 354 11.66 -0.46 34.95
C GLN A 354 10.99 -1.83 35.06
N GLU A 355 9.83 -1.95 34.44
CA GLU A 355 9.00 -3.16 34.48
C GLU A 355 9.74 -4.36 33.90
N HIS A 356 10.69 -4.17 32.99
CA HIS A 356 11.28 -5.31 32.30
C HIS A 356 12.20 -6.08 33.25
N TYR A 357 12.81 -5.39 34.21
CA TYR A 357 13.59 -6.06 35.26
C TYR A 357 12.71 -7.11 35.97
N ARG A 358 11.46 -6.76 36.26
CA ARG A 358 10.59 -7.62 37.06
C ARG A 358 10.06 -8.79 36.22
N VAL A 359 9.67 -8.50 35.00
CA VAL A 359 9.23 -9.53 34.06
C VAL A 359 10.37 -10.51 33.79
N GLY A 360 11.59 -10.01 33.70
CA GLY A 360 12.75 -10.87 33.47
C GLY A 360 12.98 -11.84 34.63
N GLU A 361 13.09 -11.30 35.83
CA GLU A 361 13.31 -12.11 37.03
C GLU A 361 12.19 -13.17 37.11
N ALA A 362 10.96 -12.74 36.85
CA ALA A 362 9.80 -13.62 37.00
C ALA A 362 9.83 -14.79 36.04
N GLU A 363 10.43 -14.67 34.86
CA GLU A 363 10.36 -15.75 33.87
C GLU A 363 11.68 -16.53 33.81
N GLY A 364 12.66 -16.16 34.63
CA GLY A 364 13.88 -16.95 34.80
C GLY A 364 15.06 -16.43 33.95
N ALA A 365 14.98 -15.23 33.39
CA ALA A 365 16.16 -14.65 32.74
C ALA A 365 17.27 -14.44 33.78
N ARG A 366 18.53 -14.47 33.34
CA ARG A 366 19.67 -14.25 34.20
C ARG A 366 20.17 -12.82 33.93
N LEU A 367 20.15 -11.98 34.95
CA LEU A 367 20.68 -10.62 34.87
C LEU A 367 22.21 -10.66 35.03
N LEU A 368 22.95 -10.21 34.02
CA LEU A 368 24.42 -10.19 34.05
C LEU A 368 24.94 -8.81 34.48
N PHE A 369 24.20 -7.75 34.20
CA PHE A 369 24.70 -6.40 34.40
C PHE A 369 23.50 -5.45 34.43
N GLY A 370 23.49 -4.51 35.38
CA GLY A 370 22.42 -3.52 35.48
C GLY A 370 21.73 -3.57 36.83
N ARG A 371 21.48 -2.39 37.40
CA ARG A 371 20.82 -2.22 38.71
C ARG A 371 19.70 -1.18 38.60
N GLY A 372 19.01 -1.12 37.46
CA GLY A 372 17.85 -0.25 37.29
C GLY A 372 18.22 1.22 37.25
N ARG A 373 17.38 2.09 37.82
CA ARG A 373 17.57 3.52 37.68
C ARG A 373 18.83 3.97 38.43
N ILE A 374 19.63 4.81 37.78
CA ILE A 374 20.82 5.40 38.39
C ILE A 374 20.36 6.54 39.30
N THR A 375 20.70 6.45 40.58
CA THR A 375 20.36 7.46 41.61
C THR A 375 21.60 7.73 42.47
N ARG A 376 21.50 8.66 43.45
CA ARG A 376 22.59 8.90 44.41
C ARG A 376 22.75 7.66 45.30
N GLU A 377 21.62 7.09 45.71
CA GLU A 377 21.64 5.87 46.50
C GLU A 377 22.10 4.69 45.65
N ASN A 378 21.80 4.70 44.35
CA ASN A 378 22.15 3.59 43.46
C ASN A 378 23.01 4.11 42.29
N PRO A 379 24.27 4.50 42.56
CA PRO A 379 25.07 5.21 41.56
C PRO A 379 25.69 4.27 40.51
N TYR A 380 26.02 4.83 39.35
CA TYR A 380 26.69 4.08 38.26
C TYR A 380 28.13 4.59 38.14
N PRO A 381 29.13 3.69 38.24
CA PRO A 381 30.56 4.04 38.26
C PRO A 381 31.04 4.98 37.14
N ARG A 382 30.36 5.04 36.00
CA ARG A 382 30.81 5.91 34.91
C ARG A 382 29.72 6.94 34.58
N PHE A 383 29.00 7.39 35.60
CA PHE A 383 28.01 8.42 35.40
C PHE A 383 28.70 9.78 35.48
N LEU A 384 28.24 10.73 34.67
CA LEU A 384 28.76 12.09 34.67
C LEU A 384 27.59 13.07 34.77
N GLY A 385 27.50 13.73 35.93
CA GLY A 385 26.42 14.66 36.20
C GLY A 385 25.55 14.20 37.37
N ASP A 386 24.41 14.86 37.52
CA ASP A 386 23.48 14.63 38.62
C ASP A 386 22.38 13.65 38.17
N PRO A 387 22.43 12.40 38.66
CA PRO A 387 21.43 11.41 38.23
C PRO A 387 20.00 11.69 38.75
N GLU A 388 19.83 12.61 39.69
CA GLU A 388 18.50 12.88 40.24
C GLU A 388 17.80 13.95 39.40
N ALA A 389 18.52 14.63 38.52
CA ALA A 389 17.93 15.74 37.77
C ALA A 389 17.06 15.19 36.63
N GLY A 390 17.19 13.89 36.33
CA GLY A 390 16.36 13.26 35.31
C GLY A 390 16.39 11.74 35.41
N LEU A 391 15.78 11.07 34.44
CA LEU A 391 15.59 9.62 34.45
C LEU A 391 16.66 8.94 33.58
N TYR A 392 17.62 8.29 34.24
CA TYR A 392 18.74 7.63 33.57
C TYR A 392 18.81 6.17 34.03
N GLY A 393 19.14 5.25 33.13
CA GLY A 393 19.14 3.82 33.41
C GLY A 393 20.53 3.21 33.28
N TRP A 394 20.86 2.33 34.21
CA TRP A 394 22.01 1.45 34.11
C TRP A 394 22.00 0.71 32.76
N PRO A 395 23.14 0.67 32.08
CA PRO A 395 23.25 -0.28 30.98
C PRO A 395 22.87 -1.67 31.50
N THR A 396 22.07 -2.42 30.74
CA THR A 396 21.49 -3.66 31.24
C THR A 396 21.69 -4.80 30.24
N VAL A 397 22.17 -5.95 30.73
CA VAL A 397 22.43 -7.13 29.89
C VAL A 397 21.85 -8.38 30.58
N TRP A 398 21.11 -9.17 29.80
CA TRP A 398 20.49 -10.41 30.25
C TRP A 398 21.00 -11.57 29.40
N GLU A 399 20.90 -12.79 29.94
CA GLU A 399 20.85 -14.02 29.14
C GLU A 399 19.41 -14.55 29.19
N VAL A 400 18.85 -14.96 28.07
CA VAL A 400 17.42 -15.30 28.04
C VAL A 400 17.22 -16.52 27.15
N ARG A 401 16.12 -17.22 27.37
CA ARG A 401 15.70 -18.28 26.48
C ARG A 401 14.78 -17.69 25.41
N PRO A 402 14.75 -18.29 24.22
CA PRO A 402 13.76 -17.92 23.22
C PRO A 402 12.36 -18.20 23.78
N GLY A 403 11.33 -17.52 23.23
CA GLY A 403 9.96 -17.74 23.66
C GLY A 403 9.56 -16.91 24.89
N THR A 404 10.47 -16.17 25.48
CA THR A 404 10.16 -15.43 26.70
C THR A 404 9.79 -13.97 26.36
N ARG A 405 9.18 -13.26 27.30
CA ARG A 405 8.72 -11.90 27.09
C ARG A 405 9.91 -10.96 26.86
N LEU A 406 11.02 -11.18 27.54
CA LEU A 406 12.20 -10.32 27.32
C LEU A 406 12.79 -10.53 25.93
N PHE A 407 12.57 -11.72 25.36
CA PHE A 407 13.10 -12.09 24.05
C PHE A 407 12.20 -11.52 22.94
N THR A 408 10.89 -11.51 23.13
CA THR A 408 9.95 -11.25 22.04
C THR A 408 9.49 -9.79 22.04
N GLU A 409 9.45 -9.15 23.20
CA GLU A 409 8.78 -7.87 23.34
C GLU A 409 9.80 -6.74 23.28
N GLU A 410 9.44 -5.71 22.51
CA GLU A 410 10.22 -4.49 22.43
C GLU A 410 10.25 -3.79 23.80
N VAL A 411 11.45 -3.34 24.17
CA VAL A 411 11.66 -2.55 25.37
C VAL A 411 12.59 -1.39 25.00
N PHE A 412 12.05 -0.20 24.79
CA PHE A 412 12.93 0.99 24.65
C PHE A 412 13.77 1.17 25.92
N GLY A 413 15.03 1.51 25.73
CA GLY A 413 15.94 1.83 26.81
C GLY A 413 17.17 0.95 26.73
N PRO A 414 18.13 1.19 27.63
CA PRO A 414 19.45 0.57 27.56
C PRO A 414 19.48 -0.86 28.09
N THR A 415 18.91 -1.78 27.31
CA THR A 415 18.90 -3.20 27.67
C THR A 415 19.21 -4.05 26.44
N ILE A 416 19.76 -5.23 26.68
CA ILE A 416 20.05 -6.17 25.61
C ILE A 416 20.15 -7.58 26.17
N ASN A 417 19.81 -8.57 25.35
CA ASN A 417 19.86 -9.99 25.70
C ASN A 417 20.96 -10.71 24.91
N LEU A 418 21.70 -11.61 25.56
CA LEU A 418 22.55 -12.63 24.90
C LEU A 418 21.78 -13.96 24.83
N VAL A 419 21.95 -14.71 23.74
CA VAL A 419 21.23 -15.96 23.48
C VAL A 419 22.19 -16.91 22.75
N LYS A 420 22.41 -18.10 23.29
CA LYS A 420 23.32 -19.04 22.65
C LYS A 420 22.58 -19.79 21.54
N VAL A 421 23.16 -19.84 20.35
CA VAL A 421 22.64 -20.62 19.23
C VAL A 421 23.79 -21.47 18.69
N ASP A 422 23.44 -22.53 17.96
CA ASP A 422 24.44 -23.45 17.43
C ASP A 422 24.28 -23.63 15.93
N GLY A 423 25.16 -22.98 15.17
CA GLY A 423 25.11 -23.07 13.71
C GLY A 423 24.08 -22.15 13.08
N ILE A 424 24.15 -22.06 11.75
CA ILE A 424 23.48 -21.03 10.97
C ILE A 424 21.97 -21.27 10.91
N GLU A 425 21.53 -22.53 10.82
CA GLU A 425 20.10 -22.81 10.66
C GLU A 425 19.35 -22.40 11.93
N GLU A 426 19.93 -22.68 13.09
CA GLU A 426 19.32 -22.32 14.36
C GLU A 426 19.32 -20.79 14.52
N ALA A 427 20.43 -20.15 14.17
CA ALA A 427 20.54 -18.68 14.27
C ALA A 427 19.41 -18.01 13.48
N ILE A 428 19.10 -18.57 12.31
CA ILE A 428 18.07 -17.97 11.44
C ILE A 428 16.69 -18.19 12.09
N ALA A 429 16.48 -19.38 12.65
CA ALA A 429 15.16 -19.72 13.19
C ALA A 429 14.92 -18.92 14.47
N VAL A 430 15.94 -18.83 15.32
CA VAL A 430 15.80 -18.05 16.53
C VAL A 430 15.65 -16.58 16.15
N ALA A 431 16.39 -16.10 15.16
CA ALA A 431 16.26 -14.68 14.72
C ALA A 431 14.83 -14.35 14.27
N ASN A 432 14.14 -15.33 13.69
CA ASN A 432 12.79 -15.13 13.19
C ASN A 432 11.74 -15.32 14.29
N SER A 433 12.12 -15.74 15.50
CA SER A 433 11.16 -16.18 16.55
C SER A 433 10.69 -15.00 17.41
N THR A 434 10.15 -14.00 16.75
CA THR A 434 9.77 -12.75 17.35
C THR A 434 8.54 -12.27 16.56
N PRO A 435 7.70 -11.42 17.14
CA PRO A 435 6.58 -10.90 16.34
C PRO A 435 6.99 -9.82 15.31
N TYR A 436 8.25 -9.43 15.33
CA TYR A 436 8.76 -8.29 14.61
C TYR A 436 9.60 -8.72 13.40
N GLY A 437 9.95 -7.73 12.58
CA GLY A 437 10.79 -7.92 11.40
C GLY A 437 11.20 -6.60 10.79
N LEU A 438 11.80 -5.73 11.62
CA LEU A 438 12.27 -4.45 11.12
C LEU A 438 13.69 -4.63 10.57
N SER A 439 14.69 -4.52 11.43
CA SER A 439 16.10 -4.60 11.07
C SER A 439 16.68 -5.94 11.52
N SER A 440 17.91 -6.24 11.10
CA SER A 440 18.59 -7.50 11.41
C SER A 440 20.08 -7.37 11.05
N ALA A 441 20.92 -8.27 11.55
CA ALA A 441 22.35 -8.18 11.30
C ALA A 441 23.01 -9.54 11.53
N ILE A 442 24.05 -9.83 10.74
CA ILE A 442 24.90 -10.99 11.00
C ILE A 442 26.35 -10.56 10.81
N TYR A 443 27.19 -10.99 11.76
CA TYR A 443 28.64 -10.84 11.65
C TYR A 443 29.23 -12.22 11.31
N THR A 444 29.80 -12.31 10.12
CA THR A 444 30.43 -13.51 9.61
C THR A 444 31.37 -13.12 8.46
N ASN A 445 32.29 -14.02 8.14
CA ASN A 445 33.22 -13.85 7.01
C ASN A 445 32.88 -14.87 5.92
N HIS A 446 32.04 -15.87 6.22
CA HIS A 446 31.70 -16.93 5.28
C HIS A 446 30.56 -16.46 4.34
N ARG A 447 30.88 -16.28 3.06
CA ARG A 447 29.92 -15.93 1.97
C ARG A 447 28.60 -16.68 2.13
N HIS A 448 28.69 -17.99 2.38
CA HIS A 448 27.52 -18.85 2.38
C HIS A 448 26.61 -18.54 3.58
N TRP A 449 27.21 -18.25 4.74
CA TRP A 449 26.43 -17.96 5.95
C TRP A 449 25.70 -16.63 5.79
N ALA A 450 26.38 -15.62 5.27
CA ALA A 450 25.74 -14.34 5.00
C ALA A 450 24.56 -14.54 4.03
N TYR A 451 24.78 -15.28 2.95
CA TYR A 451 23.74 -15.55 1.97
C TYR A 451 22.53 -16.20 2.65
N LEU A 452 22.75 -17.24 3.45
CA LEU A 452 21.62 -17.99 4.03
C LEU A 452 20.79 -17.06 4.94
N PHE A 453 21.48 -16.25 5.73
CA PHE A 453 20.81 -15.34 6.65
C PHE A 453 19.98 -14.33 5.86
N LYS A 454 20.60 -13.80 4.83
CA LYS A 454 20.02 -12.74 4.02
C LYS A 454 18.71 -13.23 3.41
N VAL A 455 18.65 -14.46 2.89
CA VAL A 455 17.41 -14.97 2.22
C VAL A 455 16.54 -15.73 3.22
N GLY A 456 17.05 -16.03 4.41
CA GLY A 456 16.26 -16.79 5.41
C GLY A 456 15.62 -15.91 6.47
N ILE A 457 16.20 -14.74 6.78
CA ILE A 457 15.62 -13.79 7.72
C ILE A 457 14.32 -13.23 7.11
N ARG A 458 13.37 -12.90 7.98
CA ARG A 458 12.17 -12.15 7.63
C ARG A 458 12.33 -10.75 8.23
N ALA A 459 12.88 -9.82 7.46
CA ALA A 459 13.14 -8.46 7.95
C ALA A 459 13.11 -7.48 6.79
N GLY A 460 12.75 -6.23 7.07
CA GLY A 460 12.72 -5.23 6.02
C GLY A 460 14.12 -4.78 5.64
N MET A 461 15.08 -5.03 6.56
CA MET A 461 16.42 -4.47 6.49
C MET A 461 17.42 -5.43 7.16
N THR A 462 18.54 -5.71 6.46
CA THR A 462 19.60 -6.57 6.99
C THR A 462 20.97 -5.91 6.81
N SER A 463 21.83 -6.11 7.80
CA SER A 463 23.19 -5.63 7.79
C SER A 463 24.14 -6.84 7.85
N ILE A 464 25.12 -6.88 6.95
CA ILE A 464 26.17 -7.88 7.03
C ILE A 464 27.44 -7.18 7.56
N ASN A 465 27.93 -7.64 8.72
CA ASN A 465 29.11 -7.04 9.39
C ASN A 465 28.88 -5.55 9.66
N ASN A 466 27.67 -5.21 10.09
CA ASN A 466 27.31 -3.84 10.46
C ASN A 466 26.19 -3.92 11.52
N ALA A 467 25.99 -2.81 12.22
CA ALA A 467 24.96 -2.70 13.26
C ALA A 467 23.55 -2.85 12.68
N THR A 468 22.58 -3.07 13.57
CA THR A 468 21.16 -3.07 13.25
C THR A 468 20.68 -1.62 13.08
N VAL A 469 21.43 -0.69 13.66
CA VAL A 469 21.11 0.74 13.58
C VAL A 469 21.95 1.39 12.47
N GLY A 470 21.52 2.59 12.06
CA GLY A 470 22.33 3.43 11.17
C GLY A 470 22.05 3.20 9.70
N ALA A 471 20.77 3.01 9.36
CA ALA A 471 20.37 2.89 7.95
C ALA A 471 20.79 4.15 7.20
N GLU A 472 21.20 3.98 5.94
CA GLU A 472 21.50 5.14 5.10
C GLU A 472 20.18 5.73 4.58
N ALA A 473 20.14 7.04 4.40
CA ALA A 473 18.91 7.79 4.12
C ALA A 473 18.27 7.45 2.77
N HIS A 474 18.96 6.72 1.88
CA HIS A 474 18.50 6.58 0.49
C HIS A 474 18.25 5.09 0.15
N LEU A 475 18.04 4.27 1.19
CA LEU A 475 17.47 2.93 1.04
C LEU A 475 16.06 2.93 1.62
N PRO A 476 15.25 1.95 1.19
CA PRO A 476 13.89 1.85 1.70
C PRO A 476 13.90 1.38 3.16
N PHE A 477 13.17 2.12 3.99
CA PHE A 477 13.11 1.89 5.42
C PHE A 477 11.71 1.42 5.79
N GLY A 478 11.61 0.32 6.53
CA GLY A 478 10.32 -0.31 6.84
C GLY A 478 10.48 -1.76 7.26
N GLY A 479 9.46 -2.30 7.92
CA GLY A 479 9.54 -3.65 8.51
C GLY A 479 8.41 -4.54 8.01
N VAL A 480 8.57 -5.85 8.23
CA VAL A 480 7.51 -6.80 8.01
C VAL A 480 7.00 -7.28 9.38
N LYS A 481 5.99 -8.16 9.32
CA LYS A 481 5.35 -8.74 10.49
C LYS A 481 4.76 -7.58 11.32
N ALA A 482 5.00 -7.54 12.63
CA ALA A 482 4.40 -6.51 13.48
C ALA A 482 5.13 -5.17 13.36
N SER A 483 6.14 -5.05 12.49
CA SER A 483 6.94 -3.82 12.40
C SER A 483 6.36 -2.87 11.35
N GLY A 484 5.45 -3.34 10.49
CA GLY A 484 4.77 -2.46 9.53
C GLY A 484 3.82 -3.22 8.62
N ASN A 485 3.34 -2.54 7.56
CA ASN A 485 2.23 -3.07 6.76
C ASN A 485 2.56 -3.07 5.25
N GLY A 486 3.81 -2.83 4.87
CA GLY A 486 4.23 -2.91 3.45
C GLY A 486 4.82 -1.61 2.93
N GLY A 487 4.47 -0.48 3.54
CA GLY A 487 4.99 0.80 3.10
C GLY A 487 6.48 0.91 3.38
N ARG A 488 7.16 1.71 2.58
CA ARG A 488 8.57 1.98 2.77
C ARG A 488 8.76 3.49 2.73
N GLU A 489 9.68 4.01 3.54
CA GLU A 489 10.01 5.43 3.47
C GLU A 489 11.42 5.60 2.88
N SER A 490 11.70 6.83 2.43
CA SER A 490 13.00 7.25 1.87
C SER A 490 13.15 6.79 0.41
N GLY A 491 14.01 7.49 -0.32
CA GLY A 491 14.38 7.12 -1.68
C GLY A 491 13.18 7.14 -2.63
N ILE A 492 13.30 6.40 -3.73
CA ILE A 492 12.22 6.36 -4.71
C ILE A 492 11.00 5.60 -4.15
N TRP A 493 11.23 4.76 -3.13
CA TRP A 493 10.23 3.76 -2.65
C TRP A 493 9.06 4.43 -1.91
N VAL A 494 9.29 5.63 -1.37
CA VAL A 494 8.27 6.35 -0.60
C VAL A 494 7.28 7.04 -1.55
N LEU A 495 7.56 7.13 -2.83
CA LEU A 495 6.63 7.82 -3.73
C LEU A 495 5.28 7.10 -3.78
N GLU A 496 5.28 5.77 -3.60
CA GLU A 496 4.03 4.98 -3.57
C GLU A 496 3.15 5.42 -2.38
N GLU A 497 3.76 5.96 -1.32
CA GLU A 497 3.05 6.38 -0.12
C GLU A 497 2.27 7.69 -0.35
N TYR A 498 2.73 8.59 -1.21
CA TYR A 498 2.12 9.92 -1.23
C TYR A 498 1.53 10.27 -2.60
N THR A 499 1.42 9.28 -3.49
CA THR A 499 0.84 9.50 -4.82
C THR A 499 -0.01 8.30 -5.22
N TYR A 500 -0.86 8.50 -6.23
CA TYR A 500 -1.65 7.44 -6.82
C TYR A 500 -1.41 7.44 -8.34
N TRP A 501 -1.61 6.27 -8.95
CA TRP A 501 -1.44 6.12 -10.38
C TRP A 501 -2.71 6.51 -11.15
N HIS A 502 -2.54 7.35 -12.15
CA HIS A 502 -3.60 7.74 -13.08
C HIS A 502 -3.23 7.21 -14.47
N ALA A 503 -3.97 6.20 -14.95
CA ALA A 503 -3.77 5.65 -16.29
C ALA A 503 -4.66 6.38 -17.30
N VAL A 504 -4.09 6.82 -18.41
CA VAL A 504 -4.82 7.56 -19.44
C VAL A 504 -4.64 6.87 -20.80
N ASN A 505 -5.73 6.72 -21.54
CA ASN A 505 -5.66 6.18 -22.89
C ASN A 505 -6.23 7.26 -23.81
N GLU A 506 -5.46 7.61 -24.84
CA GLU A 506 -5.85 8.61 -25.81
C GLU A 506 -6.11 7.92 -27.14
N GLU A 507 -7.32 8.15 -27.69
CA GLU A 507 -7.78 7.53 -28.93
C GLU A 507 -7.73 8.56 -30.06
N TYR A 508 -7.28 8.08 -31.22
CA TYR A 508 -7.19 8.87 -32.44
C TYR A 508 -7.78 8.10 -33.64
N SER A 509 -8.30 6.88 -33.43
CA SER A 509 -8.63 5.99 -34.55
C SER A 509 -9.95 6.39 -35.21
N GLY A 510 -10.76 7.22 -34.54
CA GLY A 510 -12.04 7.67 -35.11
C GLY A 510 -13.08 6.56 -35.14
N ARG A 511 -12.85 5.46 -34.41
CA ARG A 511 -13.84 4.37 -34.27
C ARG A 511 -13.73 3.79 -32.85
N LEU A 512 -14.78 3.08 -32.41
CA LEU A 512 -14.72 2.31 -31.17
C LEU A 512 -14.03 0.98 -31.45
N GLN A 513 -12.87 0.75 -30.85
CA GLN A 513 -12.16 -0.51 -31.05
C GLN A 513 -11.85 -1.08 -29.65
N LEU A 514 -12.09 -2.38 -29.48
CA LEU A 514 -12.17 -3.03 -28.17
C LEU A 514 -10.91 -3.86 -27.91
N ALA A 515 -10.17 -3.52 -26.87
CA ALA A 515 -9.05 -4.35 -26.41
C ALA A 515 -9.55 -5.79 -26.13
N GLN A 516 -8.66 -6.75 -26.41
CA GLN A 516 -8.84 -8.21 -26.15
C GLN A 516 -9.82 -8.84 -27.18
N MET A 517 -10.59 -8.03 -27.92
CA MET A 517 -11.62 -8.55 -28.85
C MET A 517 -11.34 -8.11 -30.30
N ASP A 518 -11.09 -6.80 -30.53
CA ASP A 518 -10.70 -6.30 -31.88
C ASP A 518 -9.19 -6.36 -32.21
N THR A 519 -8.34 -6.63 -31.22
CA THR A 519 -6.87 -6.66 -31.38
C THR A 519 -6.47 -7.43 -32.64
N GLY A 520 -5.61 -6.85 -33.49
CA GLY A 520 -5.24 -7.42 -34.79
C GLY A 520 -4.09 -8.43 -34.72
N TYR A 521 -4.22 -9.45 -33.87
CA TYR A 521 -3.16 -10.48 -33.70
C TYR A 521 -2.93 -11.22 -35.02
N VAL A 522 -1.66 -11.52 -35.32
CA VAL A 522 -1.23 -12.16 -36.58
C VAL A 522 -1.26 -13.68 -36.40
N SER A 523 -1.76 -14.41 -37.41
CA SER A 523 -1.78 -15.86 -37.32
C SER A 523 -0.54 -16.45 -37.99
N PRO A 524 -0.08 -17.59 -37.46
CA PRO A 524 0.97 -18.41 -38.04
C PRO A 524 0.72 -18.74 -39.52
N LYS A 525 1.79 -19.10 -40.22
CA LYS A 525 1.68 -19.80 -41.50
C LYS A 525 1.72 -21.30 -41.22
N ALA A 526 1.56 -22.10 -42.26
CA ALA A 526 1.64 -23.56 -42.15
C ALA A 526 3.07 -23.98 -41.75
N PRO A 527 3.19 -24.94 -40.82
CA PRO A 527 4.53 -25.43 -40.45
C PRO A 527 5.15 -26.35 -41.52
N THR A 528 6.41 -26.11 -41.85
CA THR A 528 7.20 -26.99 -42.71
C THR A 528 7.68 -28.20 -41.88
N PRO A 529 7.64 -29.42 -42.44
CA PRO A 529 8.15 -30.61 -41.73
C PRO A 529 9.69 -30.71 -41.79
N TRP A 530 10.38 -30.03 -40.88
CA TRP A 530 11.83 -29.82 -40.97
C TRP A 530 12.60 -31.14 -40.79
N GLY A 531 12.14 -32.06 -39.96
CA GLY A 531 12.83 -33.36 -39.80
C GLY A 531 12.97 -34.08 -41.14
N GLU A 532 11.91 -34.01 -41.94
CA GLU A 532 11.82 -34.66 -43.23
C GLU A 532 12.70 -33.91 -44.25
N VAL A 533 12.59 -32.58 -44.26
CA VAL A 533 13.33 -31.74 -45.23
C VAL A 533 14.84 -31.85 -44.97
N LEU A 534 15.24 -31.77 -43.70
CA LEU A 534 16.65 -31.82 -43.33
C LEU A 534 17.16 -33.26 -43.37
N GLY A 535 16.27 -34.25 -43.22
CA GLY A 535 16.70 -35.66 -43.16
C GLY A 535 17.29 -35.98 -41.80
N LEU A 536 16.84 -35.16 -40.85
CA LEU A 536 17.15 -35.22 -39.43
C LEU A 536 18.66 -35.08 -39.20
N HIS B 7 -15.54 -33.40 -10.41
CA HIS B 7 -14.94 -33.93 -11.65
C HIS B 7 -15.81 -35.04 -12.27
N ARG B 8 -17.08 -35.18 -11.82
CA ARG B 8 -18.00 -36.22 -12.36
C ARG B 8 -19.23 -35.54 -12.97
N LYS B 9 -20.00 -36.30 -13.76
CA LYS B 9 -20.96 -35.75 -14.73
C LYS B 9 -22.41 -36.14 -14.39
N ALA B 10 -23.32 -35.71 -15.27
CA ALA B 10 -24.80 -35.95 -15.28
C ALA B 10 -25.41 -34.94 -16.26
N ALA B 11 -26.14 -35.40 -17.28
CA ALA B 11 -26.40 -34.57 -18.48
C ALA B 11 -27.46 -33.51 -18.19
N GLY B 12 -27.10 -32.23 -18.43
CA GLY B 12 -28.04 -31.10 -18.54
C GLY B 12 -28.44 -30.88 -19.98
N LYS B 13 -28.91 -29.69 -20.35
CA LYS B 13 -29.45 -29.48 -21.72
C LYS B 13 -28.47 -28.67 -22.59
N TYR B 14 -27.74 -27.72 -22.00
CA TYR B 14 -26.67 -27.00 -22.71
C TYR B 14 -25.30 -27.49 -22.24
N GLY B 15 -25.23 -28.66 -21.63
CA GLY B 15 -23.95 -29.26 -21.28
C GLY B 15 -24.09 -30.09 -20.04
N ASN B 16 -23.01 -30.74 -19.62
CA ASN B 16 -23.06 -31.61 -18.46
C ASN B 16 -23.20 -30.76 -17.20
N THR B 17 -23.89 -31.34 -16.22
CA THR B 17 -23.95 -30.83 -14.87
C THR B 17 -22.77 -31.43 -14.12
N LEU B 18 -21.84 -30.60 -13.66
CA LEU B 18 -20.64 -31.08 -12.96
C LEU B 18 -20.87 -31.08 -11.44
N GLU B 19 -20.19 -31.98 -10.75
CA GLU B 19 -20.15 -31.96 -9.29
C GLU B 19 -18.70 -32.11 -8.84
N PHE B 20 -18.22 -31.18 -8.01
CA PHE B 20 -16.83 -31.13 -7.61
C PHE B 20 -16.69 -30.48 -6.24
N GLY B 21 -15.56 -30.75 -5.61
CA GLY B 21 -15.28 -30.24 -4.27
C GLY B 21 -14.22 -29.18 -4.29
N HIS B 22 -13.78 -28.83 -3.09
CA HIS B 22 -12.73 -27.84 -2.88
C HIS B 22 -11.39 -28.47 -3.30
N LEU B 23 -10.41 -27.63 -3.64
CA LEU B 23 -9.06 -28.11 -3.97
C LEU B 23 -8.09 -27.63 -2.89
N VAL B 24 -7.66 -28.57 -2.07
CA VAL B 24 -6.85 -28.28 -0.89
C VAL B 24 -5.65 -29.22 -0.91
N GLY B 25 -4.47 -28.64 -1.07
CA GLY B 25 -3.23 -29.39 -1.02
C GLY B 25 -3.16 -30.44 -2.12
N GLY B 26 -3.80 -30.19 -3.27
CA GLY B 26 -3.81 -31.17 -4.35
C GLY B 26 -5.04 -32.09 -4.29
N GLU B 27 -5.50 -32.44 -3.10
CA GLU B 27 -6.71 -33.27 -2.92
C GLU B 27 -7.98 -32.49 -3.32
N GLU B 28 -8.92 -33.22 -3.91
CA GLU B 28 -10.30 -32.74 -4.01
C GLU B 28 -11.08 -33.15 -2.76
N VAL B 29 -11.85 -32.22 -2.18
CA VAL B 29 -12.47 -32.42 -0.88
C VAL B 29 -13.96 -32.03 -1.00
N LEU B 30 -14.82 -33.04 -0.92
CA LEU B 30 -16.24 -32.81 -1.04
C LEU B 30 -16.85 -32.75 0.36
N GLU B 31 -16.80 -31.56 0.97
CA GLU B 31 -17.20 -31.36 2.36
C GLU B 31 -17.98 -30.05 2.53
N GLY B 32 -19.20 -30.15 3.05
CA GLY B 32 -20.05 -29.01 3.33
C GLY B 32 -21.38 -29.14 2.60
N PRO B 33 -22.35 -28.31 3.00
CA PRO B 33 -23.68 -28.36 2.41
C PRO B 33 -23.65 -27.99 0.93
N LEU B 34 -24.35 -28.71 0.07
CA LEU B 34 -24.24 -28.49 -1.38
C LEU B 34 -24.97 -27.20 -1.77
N LEU B 35 -24.30 -26.44 -2.62
CA LEU B 35 -24.87 -25.32 -3.36
C LEU B 35 -25.03 -25.73 -4.83
N GLU B 36 -25.78 -24.95 -5.59
CA GLU B 36 -25.79 -25.19 -7.02
C GLU B 36 -25.75 -23.86 -7.76
N ARG B 37 -25.25 -23.90 -8.99
CA ARG B 37 -25.27 -22.76 -9.87
C ARG B 37 -26.12 -23.09 -11.08
N ARG B 38 -27.13 -22.26 -11.30
CA ARG B 38 -28.01 -22.40 -12.45
C ARG B 38 -27.53 -21.45 -13.55
N ASN B 39 -27.71 -21.89 -14.77
CA ASN B 39 -27.50 -21.10 -15.96
C ASN B 39 -28.41 -19.87 -15.90
N PRO B 40 -27.85 -18.65 -15.73
CA PRO B 40 -28.71 -17.47 -15.57
C PRO B 40 -29.59 -17.14 -16.78
N SER B 41 -29.32 -17.73 -17.94
CA SER B 41 -30.13 -17.49 -19.15
C SER B 41 -31.32 -18.44 -19.20
N ASP B 42 -31.20 -19.54 -18.46
CA ASP B 42 -32.19 -20.60 -18.48
C ASP B 42 -32.05 -21.40 -17.22
N ARG B 43 -32.89 -21.12 -16.23
CA ARG B 43 -32.63 -21.62 -14.88
C ARG B 43 -32.97 -23.12 -14.81
N GLU B 44 -33.57 -23.72 -15.85
CA GLU B 44 -33.75 -25.19 -15.90
C GLU B 44 -32.40 -25.90 -16.03
N ASP B 45 -31.39 -25.24 -16.62
CA ASP B 45 -30.08 -25.84 -16.85
C ASP B 45 -29.14 -25.65 -15.65
N VAL B 46 -28.80 -26.75 -15.00
CA VAL B 46 -27.96 -26.76 -13.81
C VAL B 46 -26.51 -26.96 -14.25
N VAL B 47 -25.65 -25.99 -13.94
CA VAL B 47 -24.26 -26.04 -14.41
C VAL B 47 -23.44 -26.88 -13.44
N ALA B 48 -23.57 -26.62 -12.14
CA ALA B 48 -22.68 -27.25 -11.19
C ALA B 48 -23.36 -27.43 -9.82
N ARG B 49 -22.86 -28.43 -9.10
CA ARG B 49 -23.23 -28.68 -7.73
C ARG B 49 -21.91 -28.77 -6.93
N PHE B 50 -21.82 -27.98 -5.88
CA PHE B 50 -20.55 -27.80 -5.19
C PHE B 50 -20.79 -27.43 -3.73
N PRO B 51 -19.84 -27.77 -2.86
CA PRO B 51 -20.01 -27.55 -1.43
C PRO B 51 -19.57 -26.17 -0.93
N GLU B 52 -20.12 -25.80 0.24
CA GLU B 52 -19.78 -24.57 0.96
C GLU B 52 -18.70 -24.92 1.99
N ALA B 53 -17.50 -24.38 1.80
CA ALA B 53 -16.41 -24.65 2.71
C ALA B 53 -16.69 -23.93 4.04
N ASP B 54 -16.56 -24.68 5.13
CA ASP B 54 -16.69 -24.10 6.46
C ASP B 54 -15.34 -23.46 6.88
N LYS B 55 -15.35 -22.69 7.95
CA LYS B 55 -14.20 -21.95 8.34
C LYS B 55 -13.04 -22.90 8.67
N ASP B 56 -13.33 -24.08 9.20
CA ASP B 56 -12.23 -25.03 9.51
C ASP B 56 -11.54 -25.52 8.24
N LEU B 57 -12.29 -25.62 7.15
CA LEU B 57 -11.69 -26.09 5.92
C LEU B 57 -10.87 -24.96 5.26
N VAL B 58 -11.30 -23.72 5.41
CA VAL B 58 -10.52 -22.59 4.91
C VAL B 58 -9.22 -22.51 5.70
N ARG B 59 -9.31 -22.68 7.01
CA ARG B 59 -8.12 -22.79 7.88
C ARG B 59 -7.18 -23.87 7.35
N LYS B 60 -7.71 -25.04 7.05
CA LYS B 60 -6.89 -26.15 6.59
C LYS B 60 -6.22 -25.77 5.25
N ALA B 61 -6.99 -25.13 4.37
CA ALA B 61 -6.47 -24.68 3.08
C ALA B 61 -5.34 -23.65 3.28
N ALA B 62 -5.51 -22.70 4.19
CA ALA B 62 -4.46 -21.72 4.46
C ALA B 62 -3.20 -22.40 5.00
N LEU B 63 -3.36 -23.47 5.77
CA LEU B 63 -2.19 -24.20 6.30
C LEU B 63 -1.52 -25.03 5.21
N LYS B 64 -2.25 -25.56 4.23
CA LYS B 64 -1.57 -26.24 3.12
C LYS B 64 -0.72 -25.19 2.38
N ALA B 65 -1.33 -24.04 2.08
CA ALA B 65 -0.64 -22.95 1.41
C ALA B 65 0.61 -22.56 2.20
N ARG B 66 0.50 -22.46 3.52
CA ARG B 66 1.67 -22.14 4.32
C ARG B 66 2.72 -23.24 4.16
N GLU B 67 2.30 -24.50 4.13
CA GLU B 67 3.24 -25.65 4.06
C GLU B 67 3.90 -25.66 2.66
N ALA B 68 3.24 -25.14 1.63
CA ALA B 68 3.74 -25.21 0.27
C ALA B 68 4.70 -24.05 -0.02
N PHE B 69 4.69 -23.01 0.79
CA PHE B 69 5.36 -21.73 0.50
C PHE B 69 6.89 -21.86 0.52
N ALA B 70 7.44 -22.63 1.44
CA ALA B 70 8.90 -22.82 1.53
C ALA B 70 9.47 -23.29 0.18
N GLU B 71 8.92 -24.37 -0.39
CA GLU B 71 9.45 -24.92 -1.65
C GLU B 71 9.11 -23.98 -2.82
N TRP B 72 7.92 -23.39 -2.85
CA TRP B 72 7.57 -22.54 -3.98
C TRP B 72 8.41 -21.24 -3.97
N SER B 73 8.58 -20.59 -2.81
CA SER B 73 9.31 -19.32 -2.80
C SER B 73 10.78 -19.54 -3.20
N ARG B 74 11.33 -20.72 -2.88
CA ARG B 74 12.72 -21.07 -3.22
C ARG B 74 12.80 -21.58 -4.67
N THR B 75 11.69 -21.82 -5.35
CA THR B 75 11.75 -22.13 -6.79
C THR B 75 12.14 -20.84 -7.54
N PRO B 76 13.29 -20.87 -8.25
CA PRO B 76 13.77 -19.71 -8.97
C PRO B 76 12.66 -19.01 -9.79
N ALA B 77 12.63 -17.68 -9.73
CA ALA B 77 11.54 -16.94 -10.36
C ALA B 77 11.41 -17.29 -11.84
N PRO B 78 12.54 -17.50 -12.55
CA PRO B 78 12.43 -17.81 -14.01
C PRO B 78 11.74 -19.17 -14.27
N ILE B 79 11.88 -20.11 -13.34
CA ILE B 79 11.20 -21.39 -13.44
C ILE B 79 9.71 -21.23 -13.10
N ARG B 80 9.38 -20.40 -12.11
CA ARG B 80 7.96 -20.11 -11.80
C ARG B 80 7.32 -19.46 -13.04
N GLY B 81 8.10 -18.68 -13.77
CA GLY B 81 7.64 -18.01 -14.98
C GLY B 81 7.44 -19.00 -16.12
N GLN B 82 8.21 -20.08 -16.10
CA GLN B 82 8.07 -21.12 -17.13
C GLN B 82 6.74 -21.84 -16.90
N VAL B 83 6.35 -21.98 -15.64
CA VAL B 83 5.05 -22.56 -15.34
C VAL B 83 3.95 -21.65 -15.92
N LEU B 84 4.06 -20.35 -15.77
CA LEU B 84 3.05 -19.47 -16.33
C LEU B 84 3.07 -19.56 -17.86
N PHE B 85 4.26 -19.76 -18.45
CA PHE B 85 4.33 -19.90 -19.91
C PHE B 85 3.55 -21.14 -20.35
N ASN B 86 3.75 -22.27 -19.66
CA ASN B 86 2.91 -23.47 -19.87
C ASN B 86 1.43 -23.07 -19.80
N LEU B 87 1.07 -22.19 -18.87
CA LEU B 87 -0.33 -21.82 -18.68
C LEU B 87 -0.82 -20.96 -19.87
N VAL B 88 0.05 -20.15 -20.46
CA VAL B 88 -0.33 -19.37 -21.65
C VAL B 88 -0.76 -20.33 -22.77
N LYS B 89 0.01 -21.40 -22.97
CA LYS B 89 -0.25 -22.32 -24.06
C LYS B 89 -1.56 -23.05 -23.79
N ILE B 90 -1.76 -23.46 -22.54
CA ILE B 90 -2.92 -24.22 -22.14
C ILE B 90 -4.18 -23.32 -22.24
N LEU B 91 -4.12 -22.08 -21.82
CA LEU B 91 -5.27 -21.18 -21.92
C LEU B 91 -5.65 -20.99 -23.41
N GLU B 92 -4.65 -20.76 -24.25
CA GLU B 92 -4.81 -20.68 -25.70
C GLU B 92 -5.57 -21.90 -26.25
N ARG B 93 -5.12 -23.09 -25.87
CA ARG B 93 -5.76 -24.33 -26.30
C ARG B 93 -7.23 -24.32 -25.87
N GLU B 94 -7.49 -23.91 -24.63
CA GLU B 94 -8.81 -24.08 -23.99
C GLU B 94 -9.73 -22.86 -24.23
N LYS B 95 -9.26 -21.83 -24.93
CA LYS B 95 -10.00 -20.57 -25.05
C LYS B 95 -11.41 -20.80 -25.65
N PRO B 96 -11.55 -21.60 -26.73
CA PRO B 96 -12.93 -21.82 -27.25
C PRO B 96 -13.87 -22.50 -26.24
N THR B 97 -13.34 -23.46 -25.48
CA THR B 97 -14.11 -24.20 -24.48
C THR B 97 -14.45 -23.29 -23.29
N LEU B 98 -13.46 -22.59 -22.76
CA LEU B 98 -13.71 -21.64 -21.65
C LEU B 98 -14.68 -20.55 -22.10
N THR B 99 -14.60 -20.11 -23.35
CA THR B 99 -15.56 -19.12 -23.85
C THR B 99 -16.98 -19.69 -23.72
N ARG B 100 -17.19 -20.94 -24.15
CA ARG B 100 -18.56 -21.50 -24.20
C ARG B 100 -19.05 -21.78 -22.77
N LEU B 101 -18.18 -22.29 -21.90
CA LEU B 101 -18.54 -22.49 -20.52
C LEU B 101 -18.95 -21.15 -19.89
N MET B 102 -18.26 -20.06 -20.22
CA MET B 102 -18.53 -18.74 -19.59
C MET B 102 -19.88 -18.19 -20.06
N VAL B 103 -20.24 -18.44 -21.32
CA VAL B 103 -21.56 -18.02 -21.82
C VAL B 103 -22.65 -18.75 -21.01
N ARG B 104 -22.44 -20.04 -20.78
CA ARG B 104 -23.44 -20.87 -20.06
C ARG B 104 -23.51 -20.47 -18.58
N GLU B 105 -22.36 -20.31 -17.93
CA GLU B 105 -22.31 -20.20 -16.45
C GLU B 105 -22.60 -18.76 -16.01
N VAL B 106 -22.18 -17.71 -16.72
CA VAL B 106 -22.42 -16.32 -16.21
C VAL B 106 -23.20 -15.45 -17.21
N GLY B 107 -23.58 -15.95 -18.37
CA GLY B 107 -24.54 -15.24 -19.22
C GLY B 107 -23.93 -14.15 -20.08
N LYS B 108 -22.61 -14.10 -20.21
CA LYS B 108 -21.94 -13.17 -21.13
C LYS B 108 -22.04 -13.65 -22.58
N THR B 109 -21.96 -12.68 -23.51
CA THR B 109 -21.91 -12.95 -24.96
C THR B 109 -20.60 -13.67 -25.30
N PRO B 110 -20.59 -14.49 -26.35
CA PRO B 110 -19.34 -15.12 -26.79
C PRO B 110 -18.23 -14.10 -27.09
N LYS B 111 -18.57 -13.00 -27.76
CA LYS B 111 -17.62 -11.89 -28.00
C LYS B 111 -16.92 -11.50 -26.69
N GLU B 112 -17.69 -11.21 -25.65
CA GLU B 112 -17.15 -10.69 -24.38
C GLU B 112 -16.45 -11.78 -23.58
N ALA B 113 -16.97 -13.01 -23.70
CA ALA B 113 -16.41 -14.13 -22.98
C ALA B 113 -14.99 -14.43 -23.50
N ALA B 114 -14.82 -14.42 -24.82
CA ALA B 114 -13.51 -14.62 -25.43
C ALA B 114 -12.54 -13.53 -24.96
N GLY B 115 -13.01 -12.29 -24.99
CA GLY B 115 -12.24 -11.16 -24.47
C GLY B 115 -11.79 -11.37 -23.04
N ASP B 116 -12.70 -11.87 -22.21
CA ASP B 116 -12.43 -12.16 -20.82
C ASP B 116 -11.29 -13.18 -20.69
N VAL B 117 -11.38 -14.28 -21.45
CA VAL B 117 -10.34 -15.32 -21.41
C VAL B 117 -9.02 -14.74 -21.93
N GLN B 118 -9.09 -13.93 -22.98
CA GLN B 118 -7.90 -13.34 -23.58
C GLN B 118 -7.16 -12.50 -22.53
N GLU B 119 -7.87 -11.77 -21.66
CA GLU B 119 -7.22 -10.94 -20.64
C GLU B 119 -6.34 -11.80 -19.74
N ALA B 120 -6.74 -13.05 -19.53
CA ALA B 120 -5.96 -13.96 -18.68
C ALA B 120 -4.72 -14.43 -19.43
N ILE B 121 -4.89 -14.77 -20.70
CA ILE B 121 -3.76 -15.11 -21.55
C ILE B 121 -2.77 -13.94 -21.57
N ASP B 122 -3.23 -12.73 -21.90
CA ASP B 122 -2.39 -11.52 -21.84
C ASP B 122 -1.63 -11.41 -20.52
N THR B 123 -2.36 -11.61 -19.42
CA THR B 123 -1.75 -11.49 -18.08
C THR B 123 -0.72 -12.60 -17.87
N ALA B 124 -1.02 -13.81 -18.31
CA ALA B 124 -0.13 -14.96 -18.16
C ALA B 124 1.17 -14.74 -18.94
N LEU B 125 1.08 -14.17 -20.14
CA LEU B 125 2.30 -13.89 -20.93
C LEU B 125 3.12 -12.81 -20.25
N PHE B 126 2.47 -11.73 -19.81
CA PHE B 126 3.19 -10.63 -19.18
C PHE B 126 4.00 -11.17 -17.99
N PHE B 127 3.42 -12.03 -17.15
CA PHE B 127 4.03 -12.42 -15.90
C PHE B 127 4.96 -13.62 -16.10
N ALA B 128 4.75 -14.44 -17.14
CA ALA B 128 5.71 -15.50 -17.50
C ALA B 128 7.10 -14.88 -17.70
N SER B 129 7.13 -13.81 -18.49
CA SER B 129 8.34 -13.09 -18.78
C SER B 129 8.87 -12.37 -17.53
N GLU B 130 7.96 -11.91 -16.66
CA GLU B 130 8.35 -11.13 -15.50
C GLU B 130 9.23 -11.96 -14.55
N GLY B 131 9.27 -13.28 -14.75
CA GLY B 131 10.07 -14.15 -13.89
C GLY B 131 11.56 -13.89 -14.05
N ARG B 132 11.97 -13.29 -15.17
CA ARG B 132 13.39 -12.94 -15.40
C ARG B 132 13.62 -11.43 -15.16
N ARG B 133 12.67 -10.77 -14.50
CA ARG B 133 12.72 -9.34 -14.23
C ARG B 133 12.65 -9.17 -12.70
N LEU B 134 11.50 -8.75 -12.16
CA LEU B 134 11.31 -8.57 -10.69
C LEU B 134 12.45 -7.68 -10.12
N TYR B 135 12.82 -6.66 -10.85
CA TYR B 135 14.12 -6.01 -10.58
C TYR B 135 14.09 -5.35 -9.20
N GLY B 136 15.13 -5.58 -8.39
CA GLY B 136 15.46 -4.69 -7.27
C GLY B 136 16.57 -3.75 -7.67
N GLN B 137 17.22 -3.09 -6.72
CA GLN B 137 18.24 -2.09 -7.06
C GLN B 137 19.61 -2.45 -6.44
N THR B 138 20.69 -2.07 -7.13
CA THR B 138 21.98 -1.82 -6.50
C THR B 138 22.10 -0.32 -6.27
N VAL B 139 22.62 0.06 -5.12
CA VAL B 139 22.62 1.47 -4.70
C VAL B 139 24.00 1.77 -4.11
N PRO B 140 24.58 2.90 -4.49
CA PRO B 140 25.91 3.25 -3.96
C PRO B 140 25.81 3.68 -2.49
N SER B 141 26.66 3.11 -1.64
CA SER B 141 26.77 3.52 -0.26
C SER B 141 27.41 4.92 -0.19
N GLU B 142 27.14 5.68 0.87
CA GLU B 142 27.90 6.89 1.14
C GLU B 142 29.20 6.54 1.87
N MET B 143 29.43 5.27 2.20
CA MET B 143 30.67 4.90 2.90
C MET B 143 31.55 4.10 1.95
N ARG B 144 32.87 4.17 2.16
CA ARG B 144 33.81 3.35 1.42
C ARG B 144 33.68 1.90 1.88
N ASP B 145 33.96 0.97 0.97
CA ASP B 145 33.98 -0.47 1.28
C ASP B 145 32.65 -0.99 1.82
N LYS B 146 31.58 -0.51 1.20
CA LYS B 146 30.23 -0.85 1.58
C LYS B 146 29.34 -0.85 0.32
N GLU B 147 28.40 -1.80 0.27
CA GLU B 147 27.52 -1.93 -0.89
C GLU B 147 26.08 -2.09 -0.40
N LEU B 148 25.14 -1.43 -1.07
CA LEU B 148 23.74 -1.43 -0.72
C LEU B 148 22.94 -2.17 -1.79
N PHE B 149 21.84 -2.80 -1.38
CA PHE B 149 21.01 -3.63 -2.26
C PHE B 149 19.54 -3.57 -1.83
N THR B 150 18.63 -3.74 -2.78
CA THR B 150 17.24 -4.01 -2.47
C THR B 150 16.82 -5.28 -3.22
N PHE B 151 16.00 -6.12 -2.57
CA PHE B 151 15.39 -7.29 -3.20
C PHE B 151 13.86 -7.28 -3.00
N ARG B 152 13.13 -7.78 -3.98
CA ARG B 152 11.70 -8.00 -3.81
C ARG B 152 11.49 -9.40 -3.22
N ARG B 153 10.77 -9.50 -2.10
CA ARG B 153 10.50 -10.77 -1.45
C ARG B 153 9.00 -11.02 -1.41
N PRO B 154 8.61 -12.31 -1.47
CA PRO B 154 7.20 -12.67 -1.33
C PRO B 154 6.71 -12.44 0.10
N LEU B 155 5.40 -12.26 0.21
CA LEU B 155 4.73 -11.93 1.45
C LEU B 155 4.44 -13.20 2.25
N GLY B 156 3.89 -14.22 1.59
CA GLY B 156 3.47 -15.44 2.25
C GLY B 156 2.26 -16.09 1.57
N VAL B 157 1.18 -16.22 2.34
CA VAL B 157 -0.07 -16.79 1.82
C VAL B 157 -1.06 -15.66 1.50
N VAL B 158 -1.62 -15.71 0.31
CA VAL B 158 -2.52 -14.66 -0.20
C VAL B 158 -3.95 -15.18 -0.14
N GLY B 159 -4.85 -14.42 0.46
CA GLY B 159 -6.25 -14.71 0.38
C GLY B 159 -6.90 -13.88 -0.71
N ILE B 160 -7.69 -14.53 -1.57
CA ILE B 160 -8.26 -13.87 -2.74
C ILE B 160 -9.76 -14.15 -2.79
N ILE B 161 -10.57 -13.09 -2.93
CA ILE B 161 -12.00 -13.22 -3.18
C ILE B 161 -12.36 -12.46 -4.44
N THR B 162 -13.04 -13.13 -5.37
CA THR B 162 -13.36 -12.55 -6.66
C THR B 162 -14.86 -12.65 -6.98
N ALA B 163 -15.34 -11.65 -7.72
CA ALA B 163 -16.72 -11.63 -8.20
C ALA B 163 -16.86 -12.54 -9.42
N GLY B 164 -18.06 -12.59 -10.00
CA GLY B 164 -18.31 -13.53 -11.10
C GLY B 164 -18.60 -12.85 -12.42
N ASN B 165 -18.54 -11.51 -12.46
CA ASN B 165 -18.80 -10.77 -13.70
C ASN B 165 -17.60 -10.87 -14.66
N PHE B 166 -16.41 -11.17 -14.14
CA PHE B 166 -15.24 -11.40 -14.96
C PHE B 166 -14.50 -12.61 -14.38
N PRO B 167 -15.06 -13.80 -14.63
CA PRO B 167 -14.72 -15.00 -13.88
C PRO B 167 -13.34 -15.61 -14.22
N ILE B 168 -12.75 -15.23 -15.34
CA ILE B 168 -11.40 -15.68 -15.69
C ILE B 168 -10.42 -14.50 -15.65
N ALA B 169 -10.79 -13.38 -16.26
CA ALA B 169 -9.89 -12.21 -16.36
C ALA B 169 -9.44 -11.74 -14.97
N VAL B 170 -10.38 -11.43 -14.09
CA VAL B 170 -10.09 -10.64 -12.88
C VAL B 170 -9.43 -11.53 -11.82
N PRO B 171 -9.81 -12.80 -11.74
CA PRO B 171 -8.98 -13.69 -10.91
C PRO B 171 -7.53 -13.80 -11.42
N SER B 172 -7.36 -13.84 -12.74
CA SER B 172 -6.01 -13.94 -13.31
C SER B 172 -5.14 -12.75 -12.87
N TRP B 173 -5.70 -11.55 -12.80
CA TRP B 173 -4.96 -10.37 -12.31
C TRP B 173 -4.35 -10.60 -10.92
N LYS B 174 -4.94 -11.46 -10.10
CA LYS B 174 -4.50 -11.66 -8.71
C LYS B 174 -3.68 -12.95 -8.60
N LEU B 175 -4.22 -14.06 -9.13
CA LEU B 175 -3.62 -15.39 -9.02
C LEU B 175 -2.23 -15.42 -9.63
N ILE B 176 -2.12 -14.83 -10.82
CA ILE B 176 -0.91 -15.02 -11.65
C ILE B 176 0.28 -14.26 -11.05
N PRO B 177 0.15 -12.94 -10.80
CA PRO B 177 1.27 -12.24 -10.18
C PRO B 177 1.59 -12.77 -8.77
N ALA B 178 0.58 -13.22 -8.04
CA ALA B 178 0.76 -13.71 -6.70
C ALA B 178 1.69 -14.94 -6.69
N VAL B 179 1.45 -15.89 -7.60
CA VAL B 179 2.30 -17.10 -7.63
C VAL B 179 3.63 -16.75 -8.32
N LEU B 180 3.62 -15.89 -9.32
CA LEU B 180 4.87 -15.53 -9.99
C LEU B 180 5.87 -14.99 -8.96
N THR B 181 5.37 -14.17 -8.01
CA THR B 181 6.27 -13.43 -7.08
C THR B 181 6.61 -14.32 -5.88
N GLY B 182 6.21 -15.59 -5.91
CA GLY B 182 6.70 -16.60 -4.94
C GLY B 182 5.74 -16.85 -3.78
N ASN B 183 4.51 -16.31 -3.86
CA ASN B 183 3.49 -16.52 -2.83
C ASN B 183 2.69 -17.79 -3.12
N THR B 184 1.98 -18.27 -2.09
CA THR B 184 0.96 -19.29 -2.25
C THR B 184 -0.42 -18.66 -2.00
N VAL B 185 -1.47 -19.36 -2.40
CA VAL B 185 -2.80 -18.74 -2.51
C VAL B 185 -3.89 -19.67 -1.97
N VAL B 186 -4.82 -19.05 -1.23
CA VAL B 186 -6.15 -19.60 -1.01
C VAL B 186 -7.15 -18.71 -1.75
N TRP B 187 -7.93 -19.31 -2.64
CA TRP B 187 -8.87 -18.57 -3.50
C TRP B 187 -10.33 -18.98 -3.22
N LYS B 188 -11.14 -18.00 -2.85
CA LYS B 188 -12.55 -18.18 -2.67
C LYS B 188 -13.26 -17.50 -3.86
N PRO B 189 -13.64 -18.30 -4.87
CA PRO B 189 -14.26 -17.73 -6.07
C PRO B 189 -15.75 -17.44 -5.89
N SER B 190 -16.32 -16.66 -6.82
CA SER B 190 -17.76 -16.40 -6.77
C SER B 190 -18.53 -17.70 -6.97
N GLU B 191 -19.58 -17.85 -6.17
CA GLU B 191 -20.54 -18.93 -6.36
C GLU B 191 -21.34 -18.74 -7.67
N ASP B 192 -21.17 -17.62 -8.36
CA ASP B 192 -21.76 -17.45 -9.70
C ASP B 192 -20.92 -18.09 -10.79
N ALA B 193 -19.69 -18.53 -10.49
CA ALA B 193 -18.84 -19.12 -11.53
C ALA B 193 -17.91 -20.19 -10.95
N PRO B 194 -18.48 -21.16 -10.24
CA PRO B 194 -17.66 -22.24 -9.66
C PRO B 194 -16.99 -23.16 -10.69
N THR B 195 -17.66 -23.49 -11.79
CA THR B 195 -17.07 -24.42 -12.77
C THR B 195 -15.85 -23.76 -13.45
N LEU B 196 -16.04 -22.55 -13.95
CA LEU B 196 -14.92 -21.81 -14.56
C LEU B 196 -13.74 -21.75 -13.58
N SER B 197 -14.02 -21.60 -12.29
CA SER B 197 -12.99 -21.42 -11.29
C SER B 197 -12.25 -22.75 -11.08
N PHE B 198 -13.03 -23.82 -11.07
CA PHE B 198 -12.50 -25.17 -10.86
C PHE B 198 -11.55 -25.54 -12.00
N VAL B 199 -12.02 -25.23 -13.21
CA VAL B 199 -11.29 -25.56 -14.43
C VAL B 199 -9.98 -24.76 -14.46
N PHE B 200 -10.05 -23.47 -14.19
CA PHE B 200 -8.87 -22.60 -14.20
C PHE B 200 -7.82 -23.18 -13.25
N ALA B 201 -8.24 -23.61 -12.07
CA ALA B 201 -7.31 -24.16 -11.09
C ALA B 201 -6.67 -25.43 -11.65
N LYS B 202 -7.44 -26.19 -12.43
CA LYS B 202 -6.94 -27.45 -13.02
C LYS B 202 -5.97 -27.17 -14.16
N LEU B 203 -6.16 -26.04 -14.85
CA LEU B 203 -5.21 -25.64 -15.90
C LEU B 203 -3.89 -25.22 -15.26
N PHE B 204 -3.92 -24.49 -14.13
CA PHE B 204 -2.67 -24.20 -13.41
C PHE B 204 -1.99 -25.53 -13.02
N GLU B 205 -2.78 -26.51 -12.62
CA GLU B 205 -2.24 -27.81 -12.23
C GLU B 205 -1.59 -28.48 -13.45
N GLU B 206 -2.22 -28.37 -14.61
CA GLU B 206 -1.67 -28.97 -15.84
C GLU B 206 -0.35 -28.29 -16.19
N ALA B 207 -0.25 -27.00 -15.93
CA ALA B 207 0.92 -26.20 -16.31
C ALA B 207 2.12 -26.52 -15.41
N GLY B 208 1.88 -27.28 -14.34
CA GLY B 208 2.95 -27.76 -13.47
C GLY B 208 2.98 -27.03 -12.13
N LEU B 209 1.95 -26.26 -11.79
CA LEU B 209 1.96 -25.57 -10.51
C LEU B 209 1.91 -26.64 -9.41
N PRO B 210 2.85 -26.61 -8.45
CA PRO B 210 2.86 -27.67 -7.42
C PRO B 210 1.60 -27.66 -6.56
N PRO B 211 1.16 -28.84 -6.12
CA PRO B 211 -0.06 -28.92 -5.31
C PRO B 211 0.11 -28.14 -4.00
N GLY B 212 -0.87 -27.30 -3.68
CA GLY B 212 -0.85 -26.53 -2.42
C GLY B 212 -0.41 -25.09 -2.60
N VAL B 213 0.10 -24.75 -3.79
CA VAL B 213 0.42 -23.37 -4.12
C VAL B 213 -0.88 -22.64 -4.44
N LEU B 214 -1.81 -23.31 -5.11
CA LEU B 214 -3.18 -22.80 -5.31
C LEU B 214 -4.20 -23.76 -4.68
N ASN B 215 -4.95 -23.24 -3.70
CA ASN B 215 -6.04 -23.94 -3.03
C ASN B 215 -7.35 -23.19 -3.32
N VAL B 216 -8.41 -23.95 -3.63
CA VAL B 216 -9.68 -23.34 -4.00
C VAL B 216 -10.78 -23.81 -3.06
N VAL B 217 -11.38 -22.85 -2.34
CA VAL B 217 -12.48 -23.11 -1.39
C VAL B 217 -13.75 -22.40 -1.90
N PHE B 218 -14.76 -23.19 -2.26
CA PHE B 218 -16.02 -22.69 -2.77
C PHE B 218 -16.97 -22.31 -1.62
N GLY B 219 -17.91 -21.43 -1.94
CA GLY B 219 -18.85 -20.91 -0.94
C GLY B 219 -19.38 -19.54 -1.31
N GLY B 220 -20.21 -18.98 -0.44
CA GLY B 220 -20.79 -17.65 -0.64
C GLY B 220 -19.94 -16.58 0.02
N GLY B 221 -20.53 -15.41 0.26
CA GLY B 221 -19.81 -14.27 0.83
C GLY B 221 -20.15 -14.03 2.30
N LYS B 222 -20.98 -13.02 2.55
CA LYS B 222 -21.37 -12.66 3.92
C LYS B 222 -22.12 -13.83 4.58
N GLY B 223 -21.76 -14.15 5.82
CA GLY B 223 -22.33 -15.29 6.55
C GLY B 223 -21.92 -16.63 5.95
N SER B 224 -20.88 -16.62 5.11
CA SER B 224 -20.43 -17.84 4.45
C SER B 224 -18.90 -17.78 4.29
N THR B 225 -18.40 -18.57 3.34
CA THR B 225 -16.96 -18.83 3.15
C THR B 225 -16.18 -17.52 2.96
N GLY B 226 -16.75 -16.58 2.22
CA GLY B 226 -16.12 -15.28 2.02
C GLY B 226 -15.75 -14.62 3.33
N GLN B 227 -16.72 -14.57 4.23
CA GLN B 227 -16.55 -13.92 5.50
C GLN B 227 -15.56 -14.74 6.34
N TRP B 228 -15.69 -16.07 6.31
CA TRP B 228 -14.79 -16.92 7.11
C TRP B 228 -13.35 -16.55 6.76
N MET B 229 -13.13 -16.31 5.47
CA MET B 229 -11.79 -16.15 5.00
C MET B 229 -11.20 -14.79 5.39
N VAL B 230 -12.02 -13.74 5.33
CA VAL B 230 -11.60 -12.44 5.82
C VAL B 230 -11.22 -12.57 7.31
N GLU B 231 -12.01 -13.31 8.08
CA GLU B 231 -11.80 -13.41 9.52
C GLU B 231 -10.47 -14.10 9.85
N LEU B 232 -10.00 -14.96 8.96
CA LEU B 232 -8.76 -15.69 9.21
C LEU B 232 -7.55 -14.74 9.19
N MET B 233 -7.71 -13.53 8.66
CA MET B 233 -6.62 -12.56 8.78
C MET B 233 -6.28 -12.32 10.26
N ASP B 234 -7.28 -12.42 11.16
CA ASP B 234 -7.03 -12.26 12.59
C ASP B 234 -6.23 -13.42 13.19
N GLU B 235 -6.09 -14.52 12.45
CA GLU B 235 -5.36 -15.69 12.97
C GLU B 235 -3.95 -15.78 12.38
N GLY B 236 -3.56 -14.80 11.54
CA GLY B 236 -2.24 -14.74 10.94
C GLY B 236 -2.05 -15.69 9.77
N LEU B 237 -3.11 -16.25 9.20
CA LEU B 237 -2.98 -17.26 8.17
C LEU B 237 -2.91 -16.63 6.76
N PHE B 238 -3.05 -15.31 6.67
CA PHE B 238 -2.82 -14.59 5.43
C PHE B 238 -1.85 -13.44 5.65
N GLN B 239 -0.89 -13.33 4.73
CA GLN B 239 0.04 -12.23 4.72
C GLN B 239 -0.41 -11.17 3.70
N LYS B 240 -1.46 -11.43 2.93
CA LYS B 240 -1.98 -10.49 1.96
C LYS B 240 -3.44 -10.86 1.66
N PHE B 241 -4.22 -9.89 1.19
CA PHE B 241 -5.60 -10.15 0.83
C PHE B 241 -5.99 -9.31 -0.40
N ALA B 242 -6.75 -9.90 -1.30
CA ALA B 242 -7.23 -9.15 -2.45
C ALA B 242 -8.73 -9.48 -2.65
N PHE B 243 -9.48 -8.45 -3.02
CA PHE B 243 -10.92 -8.51 -3.07
C PHE B 243 -11.43 -7.61 -4.21
N THR B 244 -12.38 -8.16 -4.97
CA THR B 244 -13.20 -7.41 -5.92
C THR B 244 -14.68 -7.50 -5.49
N GLY B 245 -15.33 -6.38 -5.27
CA GLY B 245 -16.77 -6.39 -4.99
C GLY B 245 -17.28 -5.02 -4.58
N SER B 246 -18.12 -4.99 -3.56
CA SER B 246 -18.82 -3.76 -3.12
C SER B 246 -17.93 -2.94 -2.20
N THR B 247 -18.14 -1.63 -2.21
CA THR B 247 -17.40 -0.72 -1.33
C THR B 247 -17.60 -1.14 0.13
N GLN B 248 -18.86 -1.40 0.48
CA GLN B 248 -19.28 -1.67 1.86
C GLN B 248 -18.52 -2.88 2.43
N VAL B 249 -18.42 -3.96 1.65
CA VAL B 249 -17.66 -5.14 2.08
C VAL B 249 -16.18 -4.74 2.12
N GLY B 250 -15.75 -4.00 1.12
CA GLY B 250 -14.37 -3.53 1.02
C GLY B 250 -13.91 -2.78 2.26
N ARG B 251 -14.74 -1.87 2.78
CA ARG B 251 -14.34 -1.10 3.96
C ARG B 251 -14.12 -2.06 5.14
N TRP B 252 -14.96 -3.10 5.22
CA TRP B 252 -14.83 -4.04 6.31
C TRP B 252 -13.54 -4.84 6.17
N ILE B 253 -13.23 -5.27 4.94
CA ILE B 253 -11.98 -5.99 4.68
C ILE B 253 -10.79 -5.05 4.93
N GLY B 254 -10.94 -3.77 4.55
CA GLY B 254 -9.94 -2.75 4.86
C GLY B 254 -9.58 -2.71 6.34
N GLU B 255 -10.62 -2.79 7.16
CA GLU B 255 -10.55 -2.69 8.62
C GLU B 255 -9.81 -3.90 9.23
N VAL B 256 -10.19 -5.09 8.79
CA VAL B 256 -9.64 -6.35 9.34
C VAL B 256 -8.16 -6.44 8.95
N ALA B 257 -7.90 -6.22 7.66
CA ALA B 257 -6.53 -6.20 7.18
C ALA B 257 -5.74 -5.11 7.92
N GLY B 258 -6.30 -3.90 7.98
CA GLY B 258 -5.72 -2.77 8.71
C GLY B 258 -5.11 -3.20 10.03
N ARG B 259 -5.89 -3.83 10.90
CA ARG B 259 -5.43 -4.12 12.26
C ARG B 259 -4.43 -5.29 12.23
N ASN B 260 -4.43 -6.06 11.14
CA ASN B 260 -3.45 -7.13 10.95
C ASN B 260 -2.26 -6.64 10.11
N LEU B 261 -2.12 -5.33 9.94
CA LEU B 261 -0.96 -4.73 9.27
C LEU B 261 -0.78 -5.33 7.86
N ILE B 262 -1.88 -5.44 7.14
CA ILE B 262 -1.93 -5.89 5.77
C ILE B 262 -2.52 -4.76 4.92
N ARG B 263 -1.96 -4.58 3.72
CA ARG B 263 -2.52 -3.67 2.72
C ARG B 263 -3.29 -4.51 1.70
N PRO B 264 -4.62 -4.54 1.81
CA PRO B 264 -5.38 -5.35 0.88
C PRO B 264 -5.50 -4.68 -0.49
N THR B 265 -5.56 -5.50 -1.54
CA THR B 265 -5.93 -4.99 -2.84
C THR B 265 -7.45 -4.97 -2.91
N LEU B 266 -8.03 -3.79 -3.15
CA LEU B 266 -9.48 -3.62 -3.11
C LEU B 266 -9.93 -2.92 -4.38
N GLU B 267 -10.54 -3.65 -5.29
CA GLU B 267 -11.25 -3.06 -6.42
C GLU B 267 -12.73 -3.01 -6.05
N LEU B 268 -13.33 -1.82 -5.92
CA LEU B 268 -14.61 -1.68 -5.21
C LEU B 268 -15.66 -0.93 -6.05
N GLY B 269 -15.66 -0.99 -7.36
CA GLY B 269 -16.82 -0.39 -8.04
C GLY B 269 -16.76 1.13 -8.12
N GLY B 270 -17.77 1.71 -8.77
CA GLY B 270 -17.64 3.06 -9.26
C GLY B 270 -18.94 3.63 -9.76
N LYS B 271 -18.89 4.93 -10.06
CA LYS B 271 -19.97 5.65 -10.71
C LYS B 271 -19.33 6.50 -11.79
N ASN B 272 -19.14 5.91 -12.97
CA ASN B 272 -18.12 6.36 -13.90
C ASN B 272 -18.72 7.41 -14.85
N PRO B 273 -18.20 8.66 -14.80
CA PRO B 273 -18.65 9.75 -15.66
C PRO B 273 -18.05 9.68 -17.07
N LEU B 274 -18.88 9.97 -18.06
CA LEU B 274 -18.47 10.08 -19.44
C LEU B 274 -18.99 11.42 -19.97
N VAL B 275 -18.07 12.33 -20.28
CA VAL B 275 -18.42 13.69 -20.70
C VAL B 275 -18.46 13.75 -22.22
N VAL B 276 -19.43 14.50 -22.76
CA VAL B 276 -19.51 14.75 -24.21
C VAL B 276 -19.54 16.27 -24.43
N MET B 277 -18.43 16.83 -24.90
CA MET B 277 -18.32 18.27 -25.13
C MET B 277 -18.93 18.65 -26.48
N ARG B 278 -19.30 19.92 -26.61
CA ARG B 278 -20.05 20.45 -27.78
C ARG B 278 -19.30 20.16 -29.09
N ASP B 279 -17.97 20.06 -29.05
CA ASP B 279 -17.18 19.79 -30.26
C ASP B 279 -16.93 18.31 -30.54
N ALA B 280 -17.58 17.42 -29.80
CA ALA B 280 -17.29 16.00 -29.95
C ALA B 280 -17.85 15.49 -31.28
N ASP B 281 -17.19 14.49 -31.80
CA ASP B 281 -17.73 13.64 -32.85
C ASP B 281 -18.95 12.87 -32.28
N LEU B 282 -20.17 13.33 -32.60
CA LEU B 282 -21.41 12.87 -31.92
C LEU B 282 -21.58 11.36 -32.03
N ASP B 283 -21.50 10.81 -33.24
CA ASP B 283 -21.79 9.37 -33.41
C ASP B 283 -20.78 8.48 -32.67
N LEU B 284 -19.54 8.97 -32.55
CA LEU B 284 -18.49 8.24 -31.87
C LEU B 284 -18.75 8.23 -30.35
N ALA B 285 -19.20 9.38 -29.85
CA ALA B 285 -19.50 9.54 -28.44
C ALA B 285 -20.77 8.74 -28.08
N VAL B 286 -21.79 8.83 -28.93
CA VAL B 286 -23.01 8.05 -28.76
C VAL B 286 -22.63 6.56 -28.69
N GLU B 287 -21.80 6.09 -29.61
CA GLU B 287 -21.44 4.66 -29.62
C GLU B 287 -20.63 4.33 -28.36
N GLY B 288 -19.79 5.25 -27.90
CA GLY B 288 -18.96 5.02 -26.72
C GLY B 288 -19.80 5.02 -25.44
N ALA B 289 -20.78 5.92 -25.38
CA ALA B 289 -21.67 5.98 -24.23
C ALA B 289 -22.52 4.71 -24.18
N TRP B 290 -23.07 4.33 -25.32
CA TRP B 290 -23.91 3.14 -25.42
C TRP B 290 -23.14 1.91 -24.95
N TRP B 291 -21.96 1.68 -25.48
CA TRP B 291 -21.17 0.49 -25.13
C TRP B 291 -20.75 0.57 -23.65
N SER B 292 -20.39 1.76 -23.17
CA SER B 292 -20.01 1.94 -21.77
C SER B 292 -21.15 1.53 -20.83
N ALA B 293 -22.39 1.79 -21.26
CA ALA B 293 -23.58 1.52 -20.44
C ALA B 293 -24.00 0.05 -20.49
N PHE B 294 -23.86 -0.61 -21.64
CA PHE B 294 -24.64 -1.84 -21.86
C PHE B 294 -23.74 -3.06 -22.12
N ALA B 295 -22.43 -2.89 -22.25
CA ALA B 295 -21.54 -4.04 -22.28
C ALA B 295 -21.76 -4.82 -20.99
N THR B 296 -21.90 -6.15 -21.08
CA THR B 296 -22.08 -7.01 -19.90
C THR B 296 -23.39 -6.62 -19.19
N GLY B 297 -24.32 -6.04 -19.94
CA GLY B 297 -25.59 -5.61 -19.39
C GLY B 297 -25.41 -4.66 -18.21
N GLY B 298 -24.37 -3.84 -18.29
CA GLY B 298 -24.11 -2.84 -17.27
C GLY B 298 -23.55 -3.45 -15.99
N GLN B 299 -22.95 -4.64 -16.08
CA GLN B 299 -22.48 -5.33 -14.86
C GLN B 299 -20.94 -5.28 -14.73
N ARG B 300 -20.34 -4.12 -15.02
CA ARG B 300 -18.93 -3.93 -14.78
C ARG B 300 -18.73 -2.81 -13.75
N CYS B 301 -17.70 -2.94 -12.92
N CYS B 301 -17.71 -2.93 -12.92
CA CYS B 301 -17.30 -1.85 -12.04
CA CYS B 301 -17.35 -1.84 -12.03
C CYS B 301 -17.11 -0.58 -12.86
C CYS B 301 -17.12 -0.57 -12.85
N THR B 302 -16.59 -0.74 -14.07
CA THR B 302 -16.25 0.39 -14.93
C THR B 302 -17.44 0.89 -15.77
N SER B 303 -18.66 0.38 -15.58
CA SER B 303 -19.76 0.75 -16.48
C SER B 303 -20.10 2.23 -16.30
N ALA B 304 -20.51 2.86 -17.38
CA ALA B 304 -20.91 4.26 -17.33
C ALA B 304 -22.05 4.44 -16.30
N GLY B 305 -21.89 5.39 -15.38
CA GLY B 305 -22.93 5.77 -14.44
C GLY B 305 -23.72 6.98 -14.93
N ASN B 306 -23.01 7.95 -15.49
CA ASN B 306 -23.60 9.22 -15.89
C ASN B 306 -22.95 9.71 -17.20
N ILE B 307 -23.76 10.06 -18.18
CA ILE B 307 -23.29 10.74 -19.36
C ILE B 307 -23.55 12.24 -19.16
N LEU B 308 -22.48 13.03 -19.04
CA LEU B 308 -22.57 14.48 -18.81
C LEU B 308 -22.46 15.19 -20.17
N VAL B 309 -23.54 15.82 -20.63
CA VAL B 309 -23.58 16.29 -22.02
C VAL B 309 -23.63 17.81 -22.03
N ASP B 310 -22.76 18.39 -22.87
CA ASP B 310 -22.61 19.84 -22.98
C ASP B 310 -23.89 20.46 -23.54
N ALA B 311 -24.31 21.55 -22.92
CA ALA B 311 -25.61 22.20 -23.19
C ALA B 311 -25.91 22.28 -24.70
N PRO B 312 -25.01 22.85 -25.51
CA PRO B 312 -25.39 23.09 -26.91
C PRO B 312 -25.70 21.84 -27.75
N ILE B 313 -25.34 20.65 -27.28
CA ILE B 313 -25.60 19.42 -28.06
C ILE B 313 -26.57 18.49 -27.30
N TYR B 314 -27.11 18.95 -26.17
CA TYR B 314 -27.86 18.06 -25.28
C TYR B 314 -28.98 17.36 -26.05
N GLU B 315 -29.81 18.15 -26.74
CA GLU B 315 -31.04 17.64 -27.36
C GLU B 315 -30.69 16.68 -28.51
N GLU B 316 -29.71 17.05 -29.31
CA GLU B 316 -29.26 16.25 -30.45
C GLU B 316 -28.63 14.93 -29.95
N PHE B 317 -27.78 15.02 -28.91
CA PHE B 317 -27.16 13.82 -28.36
C PHE B 317 -28.24 12.89 -27.78
N LYS B 318 -29.17 13.46 -27.03
CA LYS B 318 -30.20 12.66 -26.39
C LYS B 318 -30.97 11.87 -27.46
N ARG B 319 -31.43 12.59 -28.48
CA ARG B 319 -32.20 12.02 -29.59
C ARG B 319 -31.42 10.86 -30.22
N ARG B 320 -30.12 11.05 -30.47
CA ARG B 320 -29.33 10.03 -31.14
C ARG B 320 -29.02 8.86 -30.19
N PHE B 321 -28.85 9.17 -28.91
CA PHE B 321 -28.55 8.15 -27.92
C PHE B 321 -29.77 7.25 -27.71
N LEU B 322 -30.97 7.83 -27.60
CA LEU B 322 -32.18 7.01 -27.42
C LEU B 322 -32.41 6.14 -28.66
N GLU B 323 -32.14 6.69 -29.85
CA GLU B 323 -32.20 5.92 -31.11
C GLU B 323 -31.31 4.68 -30.99
N ARG B 324 -30.11 4.88 -30.47
CA ARG B 324 -29.09 3.82 -30.39
C ARG B 324 -29.49 2.79 -29.33
N VAL B 325 -30.05 3.23 -28.21
CA VAL B 325 -30.45 2.33 -27.13
C VAL B 325 -31.60 1.44 -27.60
N GLU B 326 -32.58 2.06 -28.28
CA GLU B 326 -33.75 1.36 -28.82
C GLU B 326 -33.30 0.18 -29.70
N ALA B 327 -32.14 0.27 -30.36
CA ALA B 327 -31.67 -0.76 -31.29
C ALA B 327 -30.96 -1.91 -30.54
N THR B 328 -30.79 -1.82 -29.23
CA THR B 328 -30.04 -2.86 -28.50
C THR B 328 -30.78 -4.20 -28.58
N LEU B 329 -30.08 -5.24 -29.00
CA LEU B 329 -30.57 -6.61 -28.91
C LEU B 329 -30.25 -7.15 -27.51
N VAL B 330 -31.27 -7.71 -26.87
CA VAL B 330 -31.15 -8.36 -25.58
C VAL B 330 -31.64 -9.81 -25.74
N GLY B 331 -31.01 -10.78 -25.06
CA GLY B 331 -31.46 -12.14 -25.17
C GLY B 331 -30.50 -13.17 -24.61
N ASN B 332 -30.90 -14.43 -24.82
CA ASN B 332 -30.16 -15.62 -24.42
C ASN B 332 -28.94 -15.75 -25.33
N PRO B 333 -27.74 -15.49 -24.79
CA PRO B 333 -26.53 -15.46 -25.63
C PRO B 333 -26.09 -16.85 -26.12
N LEU B 334 -26.56 -17.91 -25.46
CA LEU B 334 -26.26 -19.26 -25.92
C LEU B 334 -27.02 -19.54 -27.22
N LEU B 335 -28.25 -19.05 -27.34
CA LEU B 335 -29.09 -19.32 -28.48
C LEU B 335 -28.98 -18.18 -29.50
N HIS B 336 -28.61 -16.99 -29.03
CA HIS B 336 -28.55 -15.80 -29.89
C HIS B 336 -27.29 -14.98 -29.59
N PRO B 337 -26.14 -15.36 -30.20
CA PRO B 337 -24.83 -14.77 -29.86
C PRO B 337 -24.70 -13.30 -30.29
N GLU B 338 -25.58 -12.86 -31.18
CA GLU B 338 -25.50 -11.51 -31.76
C GLU B 338 -26.05 -10.46 -30.79
N VAL B 339 -26.61 -10.87 -29.66
CA VAL B 339 -27.20 -9.89 -28.73
C VAL B 339 -26.07 -9.10 -28.06
N THR B 340 -26.40 -7.88 -27.65
CA THR B 340 -25.49 -7.04 -26.90
C THR B 340 -25.29 -7.58 -25.48
N TYR B 341 -26.39 -7.90 -24.79
CA TYR B 341 -26.31 -8.44 -23.43
C TYR B 341 -27.47 -9.40 -23.16
N GLY B 342 -27.22 -10.26 -22.17
CA GLY B 342 -28.17 -11.26 -21.71
C GLY B 342 -28.64 -11.02 -20.30
N PRO B 343 -28.69 -12.08 -19.48
CA PRO B 343 -29.33 -11.97 -18.16
C PRO B 343 -28.43 -11.29 -17.13
N PHE B 344 -29.02 -10.99 -15.97
CA PHE B 344 -28.27 -10.68 -14.78
C PHE B 344 -27.52 -11.92 -14.30
N ILE B 345 -26.38 -11.71 -13.68
CA ILE B 345 -25.50 -12.82 -13.29
C ILE B 345 -26.17 -13.60 -12.14
N ASN B 346 -26.86 -12.90 -11.26
CA ASN B 346 -27.48 -13.49 -10.07
C ASN B 346 -28.71 -12.66 -9.67
N GLU B 347 -29.50 -13.19 -8.73
CA GLU B 347 -30.78 -12.57 -8.34
C GLU B 347 -30.54 -11.27 -7.56
N ARG B 348 -29.51 -11.29 -6.73
CA ARG B 348 -29.09 -10.15 -5.92
C ARG B 348 -29.00 -8.88 -6.79
N PHE B 349 -28.27 -8.93 -7.90
CA PHE B 349 -28.05 -7.74 -8.71
C PHE B 349 -29.36 -7.31 -9.38
N PHE B 350 -30.16 -8.30 -9.82
CA PHE B 350 -31.45 -8.00 -10.44
C PHE B 350 -32.34 -7.24 -9.46
N ALA B 351 -32.31 -7.66 -8.19
CA ALA B 351 -33.17 -7.10 -7.17
C ALA B 351 -32.84 -5.62 -6.92
N ARG B 352 -31.55 -5.31 -6.79
CA ARG B 352 -31.08 -3.94 -6.55
C ARG B 352 -31.44 -3.07 -7.76
N TRP B 353 -31.44 -3.68 -8.94
CA TRP B 353 -31.73 -2.97 -10.17
C TRP B 353 -33.22 -2.67 -10.27
N GLN B 354 -34.07 -3.62 -9.84
CA GLN B 354 -35.53 -3.40 -9.82
C GLN B 354 -35.85 -2.22 -8.89
N GLU B 355 -35.21 -2.19 -7.74
CA GLU B 355 -35.44 -1.17 -6.75
C GLU B 355 -35.07 0.23 -7.26
N HIS B 356 -34.17 0.35 -8.23
CA HIS B 356 -33.68 1.68 -8.64
C HIS B 356 -34.79 2.43 -9.40
N TYR B 357 -35.68 1.70 -10.08
CA TYR B 357 -36.87 2.34 -10.67
C TYR B 357 -37.66 3.10 -9.60
N ARG B 358 -37.82 2.52 -8.42
CA ARG B 358 -38.65 3.08 -7.33
C ARG B 358 -37.94 4.29 -6.70
N VAL B 359 -36.65 4.15 -6.45
CA VAL B 359 -35.81 5.21 -5.92
C VAL B 359 -35.81 6.41 -6.88
N GLY B 360 -35.77 6.13 -8.18
CA GLY B 360 -35.77 7.18 -9.18
C GLY B 360 -37.05 7.98 -9.18
N GLU B 361 -38.18 7.28 -9.30
CA GLU B 361 -39.50 7.91 -9.30
C GLU B 361 -39.64 8.75 -8.03
N ALA B 362 -39.21 8.21 -6.90
CA ALA B 362 -39.42 8.85 -5.60
C ALA B 362 -38.63 10.16 -5.50
N GLU B 363 -37.49 10.30 -6.17
CA GLU B 363 -36.67 11.51 -5.97
C GLU B 363 -36.82 12.47 -7.16
N GLY B 364 -37.66 12.13 -8.14
CA GLY B 364 -38.05 13.07 -9.19
C GLY B 364 -37.25 12.89 -10.48
N ALA B 365 -36.54 11.78 -10.65
CA ALA B 365 -35.85 11.54 -11.92
C ALA B 365 -36.90 11.38 -13.03
N ARG B 366 -36.52 11.67 -14.27
CA ARG B 366 -37.38 11.50 -15.43
C ARG B 366 -36.93 10.22 -16.14
N LEU B 367 -37.83 9.25 -16.21
CA LEU B 367 -37.57 8.00 -16.95
C LEU B 367 -37.85 8.26 -18.44
N LEU B 368 -36.82 8.09 -19.27
CA LEU B 368 -36.92 8.32 -20.73
C LEU B 368 -37.16 6.99 -21.46
N PHE B 369 -36.70 5.87 -20.91
CA PHE B 369 -36.78 4.59 -21.60
C PHE B 369 -36.57 3.46 -20.57
N GLY B 370 -37.34 2.39 -20.70
CA GLY B 370 -37.23 1.24 -19.80
C GLY B 370 -38.51 0.95 -19.05
N ARG B 371 -38.88 -0.33 -19.01
CA ARG B 371 -40.10 -0.81 -18.35
C ARG B 371 -39.77 -1.99 -17.43
N GLY B 372 -38.60 -1.93 -16.77
CA GLY B 372 -38.20 -2.92 -15.75
C GLY B 372 -37.94 -4.28 -16.37
N ARG B 373 -38.32 -5.33 -15.65
CA ARG B 373 -37.98 -6.68 -16.07
C ARG B 373 -38.72 -7.02 -17.37
N ILE B 374 -37.98 -7.61 -18.30
CA ILE B 374 -38.52 -8.13 -19.54
C ILE B 374 -39.21 -9.46 -19.22
N THR B 375 -40.52 -9.54 -19.50
CA THR B 375 -41.33 -10.76 -19.30
C THR B 375 -42.14 -11.01 -20.57
N ARG B 376 -42.90 -12.11 -20.63
CA ARG B 376 -43.80 -12.36 -21.77
C ARG B 376 -44.96 -11.36 -21.69
N GLU B 377 -45.41 -11.06 -20.47
CA GLU B 377 -46.44 -10.06 -20.24
C GLU B 377 -45.87 -8.67 -20.56
N ASN B 378 -44.59 -8.44 -20.29
CA ASN B 378 -43.96 -7.12 -20.48
C ASN B 378 -42.77 -7.27 -21.43
N PRO B 379 -43.03 -7.53 -22.73
CA PRO B 379 -41.97 -7.91 -23.66
C PRO B 379 -41.15 -6.70 -24.14
N TYR B 380 -39.92 -6.99 -24.57
CA TYR B 380 -39.01 -6.00 -25.16
C TYR B 380 -38.92 -6.25 -26.67
N PRO B 381 -39.19 -5.22 -27.51
CA PRO B 381 -39.30 -5.38 -28.97
C PRO B 381 -38.10 -6.07 -29.65
N ARG B 382 -36.93 -6.04 -29.03
CA ARG B 382 -35.76 -6.68 -29.66
C ARG B 382 -35.22 -7.78 -28.74
N PHE B 383 -36.11 -8.47 -28.04
CA PHE B 383 -35.69 -9.61 -27.24
C PHE B 383 -35.61 -10.86 -28.12
N LEU B 384 -34.62 -11.72 -27.85
CA LEU B 384 -34.45 -12.98 -28.55
C LEU B 384 -34.32 -14.11 -27.53
N GLY B 385 -35.35 -14.96 -27.46
CA GLY B 385 -35.39 -16.06 -26.53
C GLY B 385 -36.56 -15.95 -25.58
N ASP B 386 -36.56 -16.80 -24.56
CA ASP B 386 -37.58 -16.84 -23.53
C ASP B 386 -37.15 -15.96 -22.34
N PRO B 387 -37.79 -14.79 -22.19
CA PRO B 387 -37.44 -13.89 -21.08
C PRO B 387 -37.81 -14.41 -19.68
N GLU B 388 -38.62 -15.47 -19.56
CA GLU B 388 -39.02 -15.95 -18.25
C GLU B 388 -38.00 -16.96 -17.74
N ALA B 389 -37.10 -17.44 -18.61
CA ALA B 389 -36.19 -18.51 -18.19
C ALA B 389 -35.06 -17.93 -17.31
N GLY B 390 -34.93 -16.59 -17.29
CA GLY B 390 -33.98 -15.94 -16.42
C GLY B 390 -34.37 -14.49 -16.15
N LEU B 391 -33.47 -13.77 -15.48
CA LEU B 391 -33.70 -12.40 -15.06
C LEU B 391 -33.03 -11.44 -16.03
N TYR B 392 -33.83 -10.76 -16.85
CA TYR B 392 -33.38 -9.87 -17.92
C TYR B 392 -34.03 -8.50 -17.74
N GLY B 393 -33.29 -7.43 -18.03
CA GLY B 393 -33.78 -6.06 -17.80
C GLY B 393 -33.85 -5.26 -19.09
N TRP B 394 -34.93 -4.50 -19.23
CA TRP B 394 -35.06 -3.45 -20.23
C TRP B 394 -33.84 -2.53 -20.15
N PRO B 395 -33.27 -2.19 -21.32
CA PRO B 395 -32.34 -1.07 -21.31
C PRO B 395 -33.04 0.15 -20.71
N THR B 396 -32.37 0.87 -19.82
CA THR B 396 -33.02 1.90 -19.02
C THR B 396 -32.21 3.20 -19.07
N VAL B 397 -32.90 4.31 -19.36
CA VAL B 397 -32.28 5.64 -19.45
C VAL B 397 -33.09 6.65 -18.63
N TRP B 398 -32.40 7.42 -17.80
CA TRP B 398 -32.98 8.48 -16.99
C TRP B 398 -32.33 9.83 -17.35
N GLU B 399 -33.03 10.92 -17.04
CA GLU B 399 -32.43 12.24 -16.79
C GLU B 399 -32.46 12.51 -15.29
N VAL B 400 -31.37 13.00 -14.73
CA VAL B 400 -31.31 13.13 -13.26
C VAL B 400 -30.57 14.42 -12.92
N ARG B 401 -30.80 14.92 -11.71
CA ARG B 401 -30.05 16.06 -11.19
C ARG B 401 -28.86 15.49 -10.41
N PRO B 402 -27.74 16.23 -10.36
CA PRO B 402 -26.65 15.87 -9.44
C PRO B 402 -27.16 15.87 -8.01
N GLY B 403 -26.49 15.13 -7.12
CA GLY B 403 -26.88 15.12 -5.70
C GLY B 403 -27.92 14.06 -5.38
N THR B 404 -28.44 13.34 -6.37
CA THR B 404 -29.50 12.36 -6.12
C THR B 404 -28.90 10.96 -5.99
N ARG B 405 -29.70 10.03 -5.48
CA ARG B 405 -29.24 8.64 -5.27
C ARG B 405 -28.95 7.97 -6.62
N LEU B 406 -29.74 8.24 -7.65
CA LEU B 406 -29.50 7.62 -8.98
C LEU B 406 -28.18 8.14 -9.60
N PHE B 407 -27.79 9.36 -9.20
CA PHE B 407 -26.58 10.00 -9.72
C PHE B 407 -25.32 9.45 -9.00
N THR B 408 -25.41 9.20 -7.70
CA THR B 408 -24.23 8.96 -6.87
C THR B 408 -23.99 7.47 -6.63
N GLU B 409 -25.04 6.66 -6.65
CA GLU B 409 -24.94 5.28 -6.15
C GLU B 409 -24.77 4.32 -7.33
N GLU B 410 -23.85 3.39 -7.16
CA GLU B 410 -23.63 2.34 -8.15
C GLU B 410 -24.86 1.42 -8.24
N VAL B 411 -25.27 1.11 -9.47
CA VAL B 411 -26.35 0.17 -9.72
C VAL B 411 -25.93 -0.76 -10.86
N PHE B 412 -25.46 -1.96 -10.55
CA PHE B 412 -25.20 -2.97 -11.61
C PHE B 412 -26.48 -3.23 -12.40
N GLY B 413 -26.32 -3.35 -13.71
CA GLY B 413 -27.42 -3.61 -14.62
C GLY B 413 -27.54 -2.55 -15.69
N PRO B 414 -28.45 -2.76 -16.66
CA PRO B 414 -28.56 -1.96 -17.86
C PRO B 414 -29.32 -0.64 -17.64
N THR B 415 -28.67 0.29 -16.95
CA THR B 415 -29.25 1.60 -16.68
C THR B 415 -28.18 2.69 -16.87
N ILE B 416 -28.63 3.88 -17.25
CA ILE B 416 -27.72 4.99 -17.46
C ILE B 416 -28.50 6.31 -17.31
N ASN B 417 -27.80 7.36 -16.86
CA ASN B 417 -28.37 8.69 -16.67
C ASN B 417 -27.78 9.68 -17.68
N LEU B 418 -28.61 10.56 -18.24
CA LEU B 418 -28.16 11.79 -18.94
C LEU B 418 -28.23 12.99 -17.97
N VAL B 419 -27.25 13.90 -18.07
CA VAL B 419 -27.13 15.05 -17.18
C VAL B 419 -26.58 16.23 -18.00
N LYS B 420 -27.29 17.35 -18.02
CA LYS B 420 -26.87 18.49 -18.82
C LYS B 420 -25.83 19.29 -18.03
N VAL B 421 -24.70 19.61 -18.67
CA VAL B 421 -23.67 20.48 -18.10
C VAL B 421 -23.36 21.56 -19.12
N ASP B 422 -22.77 22.65 -18.63
CA ASP B 422 -22.43 23.77 -19.49
C ASP B 422 -20.96 24.14 -19.38
N GLY B 423 -20.18 23.74 -20.39
CA GLY B 423 -18.76 24.05 -20.41
C GLY B 423 -17.93 23.09 -19.56
N ILE B 424 -16.61 23.22 -19.72
CA ILE B 424 -15.66 22.22 -19.26
C ILE B 424 -15.53 22.26 -17.73
N GLU B 425 -15.58 23.45 -17.12
CA GLU B 425 -15.37 23.56 -15.68
C GLU B 425 -16.50 22.82 -14.92
N GLU B 426 -17.73 23.02 -15.38
CA GLU B 426 -18.89 22.39 -14.77
C GLU B 426 -18.83 20.87 -15.00
N ALA B 427 -18.48 20.45 -16.21
CA ALA B 427 -18.39 19.02 -16.53
C ALA B 427 -17.42 18.33 -15.56
N ILE B 428 -16.33 19.00 -15.24
CA ILE B 428 -15.31 18.41 -14.35
C ILE B 428 -15.87 18.33 -12.93
N ALA B 429 -16.58 19.37 -12.50
CA ALA B 429 -17.09 19.45 -11.13
C ALA B 429 -18.21 18.42 -10.95
N VAL B 430 -19.10 18.33 -11.92
CA VAL B 430 -20.17 17.35 -11.86
C VAL B 430 -19.57 15.95 -11.96
N ALA B 431 -18.57 15.77 -12.80
CA ALA B 431 -17.92 14.43 -12.94
C ALA B 431 -17.31 13.98 -11.60
N ASN B 432 -16.86 14.92 -10.79
CA ASN B 432 -16.23 14.59 -9.51
C ASN B 432 -17.27 14.42 -8.40
N SER B 433 -18.55 14.69 -8.66
CA SER B 433 -19.58 14.82 -7.59
C SER B 433 -20.22 13.47 -7.24
N THR B 434 -19.36 12.52 -6.87
CA THR B 434 -19.75 11.15 -6.64
C THR B 434 -18.81 10.63 -5.57
N PRO B 435 -19.19 9.58 -4.85
CA PRO B 435 -18.23 9.03 -3.86
C PRO B 435 -17.09 8.21 -4.48
N TYR B 436 -17.15 8.00 -5.79
CA TYR B 436 -16.29 7.06 -6.49
C TYR B 436 -15.22 7.79 -7.33
N GLY B 437 -14.28 7.01 -7.85
CA GLY B 437 -13.20 7.52 -8.71
C GLY B 437 -12.45 6.38 -9.40
N LEU B 438 -13.19 5.50 -10.07
CA LEU B 438 -12.57 4.39 -10.76
C LEU B 438 -12.18 4.85 -12.18
N SER B 439 -13.11 4.77 -13.12
CA SER B 439 -12.87 5.10 -14.54
C SER B 439 -13.55 6.44 -14.87
N SER B 440 -13.25 6.96 -16.06
CA SER B 440 -13.76 8.25 -16.51
C SER B 440 -13.49 8.40 -18.01
N ALA B 441 -14.17 9.34 -18.66
CA ALA B 441 -14.03 9.48 -20.11
C ALA B 441 -14.50 10.88 -20.53
N ILE B 442 -13.86 11.42 -21.56
CA ILE B 442 -14.34 12.64 -22.22
C ILE B 442 -14.22 12.46 -23.73
N TYR B 443 -15.27 12.86 -24.43
CA TYR B 443 -15.25 12.96 -25.88
C TYR B 443 -15.15 14.44 -26.27
N THR B 444 -14.02 14.78 -26.88
CA THR B 444 -13.74 16.13 -27.35
C THR B 444 -12.64 16.05 -28.41
N ASN B 445 -12.52 17.11 -29.20
CA ASN B 445 -11.47 17.24 -30.20
C ASN B 445 -10.47 18.33 -29.76
N HIS B 446 -10.85 19.14 -28.77
CA HIS B 446 -10.06 20.29 -28.34
C HIS B 446 -8.98 19.86 -27.34
N ARG B 447 -7.71 19.98 -27.75
CA ARG B 447 -6.51 19.67 -26.93
C ARG B 447 -6.68 20.17 -25.48
N HIS B 448 -7.13 21.42 -25.35
CA HIS B 448 -7.15 22.08 -24.04
C HIS B 448 -8.23 21.46 -23.14
N TRP B 449 -9.37 21.09 -23.72
CA TRP B 449 -10.45 20.51 -22.92
C TRP B 449 -10.05 19.11 -22.43
N ALA B 450 -9.43 18.31 -23.28
CA ALA B 450 -8.94 17.00 -22.87
C ALA B 450 -7.93 17.17 -21.72
N TYR B 451 -7.00 18.10 -21.88
CA TYR B 451 -6.00 18.36 -20.86
C TYR B 451 -6.68 18.71 -19.52
N LEU B 452 -7.62 19.63 -19.52
CA LEU B 452 -8.24 20.10 -18.26
C LEU B 452 -8.95 18.94 -17.56
N PHE B 453 -9.65 18.12 -18.33
CA PHE B 453 -10.39 17.00 -17.78
C PHE B 453 -9.40 16.01 -17.16
N LYS B 454 -8.33 15.73 -17.89
CA LYS B 454 -7.33 14.75 -17.51
C LYS B 454 -6.72 15.13 -16.16
N VAL B 455 -6.41 16.41 -15.93
CA VAL B 455 -5.73 16.85 -14.68
C VAL B 455 -6.77 17.32 -13.66
N GLY B 456 -8.04 17.46 -14.06
CA GLY B 456 -9.08 17.92 -13.13
C GLY B 456 -9.92 16.79 -12.55
N ILE B 457 -10.07 15.68 -13.29
CA ILE B 457 -10.82 14.52 -12.81
C ILE B 457 -10.04 13.87 -11.64
N ARG B 458 -10.78 13.29 -10.71
CA ARG B 458 -10.23 12.41 -9.68
C ARG B 458 -10.63 10.97 -10.02
N ALA B 459 -9.77 10.26 -10.73
CA ALA B 459 -10.08 8.90 -11.19
C ALA B 459 -8.80 8.10 -11.40
N GLY B 460 -8.87 6.80 -11.21
CA GLY B 460 -7.69 5.98 -11.40
C GLY B 460 -7.38 5.79 -12.88
N MET B 461 -8.41 6.02 -13.71
CA MET B 461 -8.34 5.71 -15.14
C MET B 461 -9.20 6.70 -15.94
N THR B 462 -8.63 7.24 -17.03
CA THR B 462 -9.35 8.18 -17.90
C THR B 462 -9.17 7.79 -19.38
N SER B 463 -10.25 7.94 -20.13
CA SER B 463 -10.28 7.68 -21.56
C SER B 463 -10.57 8.99 -22.30
N ILE B 464 -9.75 9.32 -23.28
CA ILE B 464 -10.04 10.44 -24.16
C ILE B 464 -10.55 9.88 -25.49
N ASN B 465 -11.79 10.21 -25.85
CA ASN B 465 -12.46 9.69 -27.07
C ASN B 465 -12.49 8.16 -27.06
N ASN B 466 -12.78 7.58 -25.90
CA ASN B 466 -12.95 6.14 -25.76
C ASN B 466 -13.92 5.89 -24.58
N ALA B 467 -14.43 4.66 -24.52
CA ALA B 467 -15.38 4.25 -23.47
C ALA B 467 -14.73 4.27 -22.08
N THR B 468 -15.58 4.20 -21.05
CA THR B 468 -15.14 4.03 -19.66
C THR B 468 -14.69 2.58 -19.44
N VAL B 469 -15.17 1.68 -20.30
CA VAL B 469 -14.85 0.26 -20.23
C VAL B 469 -13.74 -0.07 -21.23
N GLY B 470 -13.14 -1.25 -21.08
CA GLY B 470 -12.17 -1.78 -22.06
C GLY B 470 -10.73 -1.36 -21.78
N ALA B 471 -10.34 -1.37 -20.50
CA ALA B 471 -8.95 -1.14 -20.14
C ALA B 471 -8.06 -2.19 -20.81
N GLU B 472 -6.87 -1.79 -21.23
CA GLU B 472 -5.88 -2.75 -21.75
C GLU B 472 -5.21 -3.42 -20.55
N ALA B 473 -4.82 -4.67 -20.73
CA ALA B 473 -4.35 -5.54 -19.64
C ALA B 473 -3.03 -5.09 -19.02
N HIS B 474 -2.31 -4.14 -19.63
CA HIS B 474 -0.92 -3.85 -19.24
C HIS B 474 -0.79 -2.39 -18.75
N LEU B 475 -1.91 -1.78 -18.38
CA LEU B 475 -1.92 -0.51 -17.63
C LEU B 475 -2.41 -0.79 -16.22
N PRO B 476 -2.08 0.11 -15.29
CA PRO B 476 -2.50 -0.07 -13.92
C PRO B 476 -4.01 0.16 -13.78
N PHE B 477 -4.65 -0.79 -13.13
CA PHE B 477 -6.09 -0.80 -12.92
C PHE B 477 -6.41 -0.62 -11.44
N GLY B 478 -7.30 0.32 -11.13
CA GLY B 478 -7.58 0.71 -9.74
C GLY B 478 -8.22 2.10 -9.66
N GLY B 479 -8.86 2.38 -8.53
CA GLY B 479 -9.64 3.62 -8.37
C GLY B 479 -9.19 4.39 -7.15
N VAL B 480 -9.60 5.66 -7.08
CA VAL B 480 -9.45 6.47 -5.87
C VAL B 480 -10.81 6.63 -5.22
N LYS B 481 -10.81 7.34 -4.08
CA LYS B 481 -12.02 7.64 -3.32
C LYS B 481 -12.62 6.31 -2.87
N ALA B 482 -13.93 6.10 -3.05
CA ALA B 482 -14.59 4.87 -2.58
C ALA B 482 -14.32 3.67 -3.51
N SER B 483 -13.52 3.86 -4.57
CA SER B 483 -13.32 2.79 -5.56
C SER B 483 -12.10 1.94 -5.21
N GLY B 484 -11.27 2.38 -4.27
CA GLY B 484 -10.12 1.57 -3.82
C GLY B 484 -9.27 2.30 -2.79
N ASN B 485 -8.10 1.77 -2.51
CA ASN B 485 -7.29 2.26 -1.38
C ASN B 485 -5.84 2.57 -1.79
N GLY B 486 -5.52 2.56 -3.09
CA GLY B 486 -4.16 2.94 -3.54
C GLY B 486 -3.47 1.85 -4.35
N GLY B 487 -3.83 0.59 -4.13
CA GLY B 487 -3.24 -0.50 -4.88
C GLY B 487 -3.64 -0.45 -6.33
N ARG B 488 -2.79 -1.02 -7.19
CA ARG B 488 -3.10 -1.14 -8.61
C ARG B 488 -2.85 -2.57 -9.04
N GLU B 489 -3.62 -3.04 -10.00
CA GLU B 489 -3.39 -4.37 -10.56
C GLU B 489 -2.89 -4.25 -12.00
N SER B 490 -2.29 -5.35 -12.49
CA SER B 490 -1.78 -5.49 -13.85
C SER B 490 -0.41 -4.81 -14.00
N GLY B 491 0.35 -5.29 -14.98
CA GLY B 491 1.61 -4.64 -15.34
C GLY B 491 2.64 -4.68 -14.22
N ILE B 492 3.60 -3.77 -14.28
CA ILE B 492 4.66 -3.72 -13.25
C ILE B 492 4.08 -3.22 -11.91
N TRP B 493 2.93 -2.53 -11.96
CA TRP B 493 2.38 -1.77 -10.80
C TRP B 493 1.84 -2.72 -9.72
N VAL B 494 1.46 -3.94 -10.11
CA VAL B 494 0.89 -4.91 -9.19
C VAL B 494 2.00 -5.58 -8.36
N LEU B 495 3.25 -5.44 -8.73
CA LEU B 495 4.31 -6.10 -7.96
C LEU B 495 4.36 -5.56 -6.52
N GLU B 496 3.98 -4.29 -6.31
CA GLU B 496 3.93 -3.70 -4.95
C GLU B 496 2.89 -4.42 -4.09
N GLU B 497 1.89 -5.04 -4.72
CA GLU B 497 0.83 -5.74 -4.01
C GLU B 497 1.31 -7.09 -3.46
N TYR B 498 2.26 -7.77 -4.09
CA TYR B 498 2.51 -9.17 -3.73
C TYR B 498 3.97 -9.37 -3.27
N THR B 499 4.70 -8.28 -3.04
CA THR B 499 6.09 -8.37 -2.57
C THR B 499 6.38 -7.25 -1.56
N TYR B 500 7.48 -7.42 -0.83
CA TYR B 500 7.96 -6.41 0.11
C TYR B 500 9.43 -6.15 -0.19
N TRP B 501 9.90 -4.96 0.18
CA TRP B 501 11.27 -4.56 -0.07
C TRP B 501 12.18 -5.00 1.07
N HIS B 502 13.29 -5.64 0.71
CA HIS B 502 14.33 -6.05 1.64
C HIS B 502 15.59 -5.25 1.31
N ALA B 503 15.98 -4.31 2.19
CA ALA B 503 17.20 -3.54 2.01
C ALA B 503 18.38 -4.24 2.71
N VAL B 504 19.49 -4.41 1.99
CA VAL B 504 20.67 -5.06 2.56
C VAL B 504 21.89 -4.15 2.41
N ASN B 505 22.63 -3.98 3.50
CA ASN B 505 23.89 -3.27 3.44
C ASN B 505 24.99 -4.28 3.80
N GLU B 506 25.99 -4.38 2.93
CA GLU B 506 27.12 -5.27 3.12
C GLU B 506 28.36 -4.41 3.41
N GLU B 507 29.04 -4.74 4.51
CA GLU B 507 30.23 -4.00 4.97
C GLU B 507 31.48 -4.83 4.67
N TYR B 508 32.50 -4.10 4.24
CA TYR B 508 33.82 -4.66 3.92
C TYR B 508 34.94 -3.83 4.54
N SER B 509 34.61 -2.75 5.26
CA SER B 509 35.62 -1.77 5.68
C SER B 509 36.40 -2.30 6.90
N GLY B 510 35.88 -3.31 7.59
CA GLY B 510 36.53 -3.86 8.80
C GLY B 510 36.50 -2.90 9.98
N ARG B 511 35.66 -1.87 9.94
CA ARG B 511 35.46 -0.95 11.07
C ARG B 511 33.97 -0.57 11.13
N LEU B 512 33.54 -0.12 12.31
CA LEU B 512 32.19 0.43 12.47
C LEU B 512 32.25 1.90 12.03
N GLN B 513 31.54 2.21 10.96
CA GLN B 513 31.50 3.58 10.44
C GLN B 513 30.02 3.95 10.34
N LEU B 514 29.68 5.15 10.80
CA LEU B 514 28.30 5.59 11.04
C LEU B 514 27.84 6.53 9.92
N ALA B 515 26.80 6.13 9.19
CA ALA B 515 26.17 7.02 8.20
C ALA B 515 25.70 8.30 8.92
N GLN B 516 25.76 9.42 8.19
CA GLN B 516 25.28 10.76 8.63
C GLN B 516 26.27 11.40 9.63
N MET B 517 27.19 10.63 10.23
CA MET B 517 28.10 11.14 11.28
C MET B 517 29.58 10.97 10.86
N ASP B 518 29.98 9.77 10.40
CA ASP B 518 31.36 9.54 9.88
C ASP B 518 31.57 9.85 8.38
N THR B 519 30.50 10.09 7.62
CA THR B 519 30.55 10.34 6.16
C THR B 519 31.66 11.35 5.83
N GLY B 520 32.52 11.03 4.86
CA GLY B 520 33.70 11.85 4.53
C GLY B 520 33.40 12.99 3.55
N TYR B 521 32.42 13.83 3.87
CA TYR B 521 32.04 15.01 3.05
C TYR B 521 33.25 15.96 2.93
N VAL B 522 33.45 16.52 1.73
CA VAL B 522 34.60 17.43 1.46
C VAL B 522 34.12 18.86 1.70
N SER B 523 34.98 19.70 2.29
CA SER B 523 34.63 21.12 2.47
C SER B 523 35.14 21.94 1.27
N PRO B 524 34.37 22.99 0.94
CA PRO B 524 34.73 24.00 -0.03
C PRO B 524 36.14 24.57 0.21
N LYS B 525 36.70 25.15 -0.84
CA LYS B 525 37.84 26.04 -0.73
C LYS B 525 37.30 27.46 -0.54
N ALA B 526 38.20 28.39 -0.23
CA ALA B 526 37.84 29.80 -0.08
C ALA B 526 37.36 30.36 -1.42
N PRO B 527 36.29 31.17 -1.40
CA PRO B 527 35.78 31.74 -2.66
C PRO B 527 36.67 32.88 -3.19
N THR B 528 36.94 32.87 -4.49
CA THR B 528 37.59 34.00 -5.17
C THR B 528 36.58 35.13 -5.38
N PRO B 529 36.97 36.41 -5.17
CA PRO B 529 36.07 37.54 -5.42
C PRO B 529 35.96 37.91 -6.92
N TRP B 530 35.09 37.22 -7.65
CA TRP B 530 35.09 37.25 -9.11
C TRP B 530 34.66 38.63 -9.64
N GLY B 531 33.74 39.33 -8.96
CA GLY B 531 33.35 40.69 -9.41
C GLY B 531 34.56 41.60 -9.54
N GLU B 532 35.45 41.49 -8.58
CA GLU B 532 36.66 42.30 -8.47
C GLU B 532 37.68 41.86 -9.53
N VAL B 533 37.88 40.55 -9.65
CA VAL B 533 38.89 39.99 -10.58
C VAL B 533 38.47 40.28 -12.03
N LEU B 534 37.19 40.05 -12.34
CA LEU B 534 36.68 40.26 -13.69
C LEU B 534 36.44 41.76 -13.95
N GLY B 535 36.19 42.54 -12.90
CA GLY B 535 35.91 43.97 -13.06
C GLY B 535 34.51 44.26 -13.59
N LEU B 536 33.50 43.47 -13.22
CA LEU B 536 32.13 43.72 -13.71
C LEU B 536 31.12 43.09 -12.76
#